data_6WK7
# 
_entry.id   6WK7 
# 
_audit_conform.dict_name       mmcif_pdbx.dic 
_audit_conform.dict_version    5.380 
_audit_conform.dict_location   http://mmcif.pdb.org/dictionaries/ascii/mmcif_pdbx.dic 
# 
loop_
_database_2.database_id 
_database_2.database_code 
_database_2.pdbx_database_accession 
_database_2.pdbx_DOI 
PDB   6WK7         pdb_00006wk7 10.2210/pdb6wk7/pdb 
WWPDB D_1000248473 ?            ?                   
# 
_pdbx_database_status.status_code                     REL 
_pdbx_database_status.status_code_sf                  REL 
_pdbx_database_status.status_code_mr                  ? 
_pdbx_database_status.entry_id                        6WK7 
_pdbx_database_status.recvd_initial_deposition_date   2020-04-15 
_pdbx_database_status.SG_entry                        N 
_pdbx_database_status.deposit_site                    RCSB 
_pdbx_database_status.process_site                    RCSB 
_pdbx_database_status.status_code_cs                  ? 
_pdbx_database_status.status_code_nmr_data            ? 
_pdbx_database_status.methods_development_category    ? 
_pdbx_database_status.pdb_format_compatible           Y 
# 
loop_
_audit_author.name 
_audit_author.pdbx_ordinal 
_audit_author.identifier_ORCID 
'Li, Q.'        1  ? 
'Zhao, J.'      2  ? 
'Liu, L.'       3  ? 
'Mandal, S.'    4  ? 
'Rizzuto, F.J.' 5  ? 
'He, H.'        6  ? 
'Wei, S.'       7  ? 
'Jonchhe, S.'   8  ? 
'Sleiman, H.F.' 9  ? 
'Mao, H.'       10 ? 
'Mao, C.'       11 ? 
# 
_citation.abstract                  ? 
_citation.abstract_id_CAS           ? 
_citation.book_id_ISBN              ? 
_citation.book_publisher            ? 
_citation.book_publisher_city       ? 
_citation.book_title                ? 
_citation.coordinate_linkage        ? 
_citation.country                   ? 
_citation.database_id_Medline       ? 
_citation.details                   ? 
_citation.id                        primary 
_citation.journal_abbrev            'Nat Mater' 
_citation.journal_id_ASTM           ? 
_citation.journal_id_CSD            ? 
_citation.journal_id_ISSN           1476-1122 
_citation.journal_full              ? 
_citation.journal_issue             ? 
_citation.journal_volume            19 
_citation.language                  ? 
_citation.page_first                1012 
_citation.page_last                 1018 
_citation.title                     'A poly(thymine)-melamine duplex for the assembly of DNA nanomaterials.' 
_citation.year                      2020 
_citation.database_id_CSD           ? 
_citation.pdbx_database_id_DOI      10.1038/s41563-020-0728-2 
_citation.pdbx_database_id_PubMed   32661383 
_citation.unpublished_flag          ? 
# 
loop_
_citation_author.citation_id 
_citation_author.name 
_citation_author.ordinal 
_citation_author.identifier_ORCID 
primary 'Li, Q.'        1  ? 
primary 'Zhao, J.'      2  ? 
primary 'Liu, L.'       3  ? 
primary 'Jonchhe, S.'   4  ? 
primary 'Rizzuto, F.J.' 5  ? 
primary 'Mandal, S.'    6  ? 
primary 'He, H.'        7  ? 
primary 'Wei, S.'       8  ? 
primary 'Sleiman, H.F.' 9  ? 
primary 'Mao, H.'       10 ? 
primary 'Mao, C.'       11 ? 
# 
_cell.angle_alpha                  90.000 
_cell.angle_alpha_esd              ? 
_cell.angle_beta                   90.000 
_cell.angle_beta_esd               ? 
_cell.angle_gamma                  90.000 
_cell.angle_gamma_esd              ? 
_cell.entry_id                     6WK7 
_cell.details                      ? 
_cell.formula_units_Z              ? 
_cell.length_a                     67.665 
_cell.length_a_esd                 ? 
_cell.length_b                     67.665 
_cell.length_b_esd                 ? 
_cell.length_c                     67.665 
_cell.length_c_esd                 ? 
_cell.volume                       ? 
_cell.volume_esd                   ? 
_cell.Z_PDB                        48 
_cell.reciprocal_angle_alpha       ? 
_cell.reciprocal_angle_beta        ? 
_cell.reciprocal_angle_gamma       ? 
_cell.reciprocal_angle_alpha_esd   ? 
_cell.reciprocal_angle_beta_esd    ? 
_cell.reciprocal_angle_gamma_esd   ? 
_cell.reciprocal_length_a          ? 
_cell.reciprocal_length_b          ? 
_cell.reciprocal_length_c          ? 
_cell.reciprocal_length_a_esd      ? 
_cell.reciprocal_length_b_esd      ? 
_cell.reciprocal_length_c_esd      ? 
_cell.pdbx_unique_axis             ? 
# 
_symmetry.entry_id                         6WK7 
_symmetry.cell_setting                     ? 
_symmetry.Int_Tables_number                197 
_symmetry.space_group_name_Hall            ? 
_symmetry.space_group_name_H-M             'I 2 3' 
_symmetry.pdbx_full_space_group_name_H-M   ? 
# 
loop_
_entity.id 
_entity.type 
_entity.src_method 
_entity.pdbx_description 
_entity.formula_weight 
_entity.pdbx_number_of_molecules 
_entity.pdbx_ec 
_entity.pdbx_mutation 
_entity.pdbx_fragment 
_entity.details 
1 polymer     syn 
;DNA (5'-D(*TP*TP*TP*TP*TP*T)-3')
;
1780.199 2  ? ? ? ? 
2 non-polymer syn 1,3,5-triazine-2,4,6-triamine      126.120  6  ? ? ? ? 
3 water       nat water                              18.015   29 ? ? ? ? 
# 
_entity_poly.entity_id                      1 
_entity_poly.type                           polydeoxyribonucleotide 
_entity_poly.nstd_linkage                   no 
_entity_poly.nstd_monomer                   no 
_entity_poly.pdbx_seq_one_letter_code       '(DT)(DT)(DT)(DT)(DT)(DT)' 
_entity_poly.pdbx_seq_one_letter_code_can   TTTTTT 
_entity_poly.pdbx_strand_id                 B,C 
_entity_poly.pdbx_target_identifier         ? 
# 
loop_
_entity_poly_seq.entity_id 
_entity_poly_seq.num 
_entity_poly_seq.mon_id 
_entity_poly_seq.hetero 
1 1 DT n 
1 2 DT n 
1 3 DT n 
1 4 DT n 
1 5 DT n 
1 6 DT n 
# 
_pdbx_entity_src_syn.entity_id              1 
_pdbx_entity_src_syn.pdbx_src_id            1 
_pdbx_entity_src_syn.pdbx_alt_source_flag   sample 
_pdbx_entity_src_syn.pdbx_beg_seq_num       1 
_pdbx_entity_src_syn.pdbx_end_seq_num       6 
_pdbx_entity_src_syn.organism_scientific    'synthetic construct' 
_pdbx_entity_src_syn.organism_common_name   ? 
_pdbx_entity_src_syn.ncbi_taxonomy_id       32630 
_pdbx_entity_src_syn.details                ? 
# 
_struct_ref.id                         1 
_struct_ref.db_name                    PDB 
_struct_ref.db_code                    6WK7 
_struct_ref.pdbx_db_accession          6WK7 
_struct_ref.pdbx_db_isoform            ? 
_struct_ref.entity_id                  1 
_struct_ref.pdbx_seq_one_letter_code   ? 
_struct_ref.pdbx_align_begin           1 
# 
loop_
_struct_ref_seq.align_id 
_struct_ref_seq.ref_id 
_struct_ref_seq.pdbx_PDB_id_code 
_struct_ref_seq.pdbx_strand_id 
_struct_ref_seq.seq_align_beg 
_struct_ref_seq.pdbx_seq_align_beg_ins_code 
_struct_ref_seq.seq_align_end 
_struct_ref_seq.pdbx_seq_align_end_ins_code 
_struct_ref_seq.pdbx_db_accession 
_struct_ref_seq.db_align_beg 
_struct_ref_seq.pdbx_db_align_beg_ins_code 
_struct_ref_seq.db_align_end 
_struct_ref_seq.pdbx_db_align_end_ins_code 
_struct_ref_seq.pdbx_auth_seq_align_beg 
_struct_ref_seq.pdbx_auth_seq_align_end 
1 1 6WK7 B 1 ? 6 ? 6WK7 1 ? 6 ? 1 6 
2 1 6WK7 C 1 ? 6 ? 6WK7 1 ? 6 ? 1 6 
# 
loop_
_chem_comp.id 
_chem_comp.type 
_chem_comp.mon_nstd_flag 
_chem_comp.name 
_chem_comp.pdbx_synonyms 
_chem_comp.formula 
_chem_comp.formula_weight 
AX2 non-polymer   . 1,3,5-triazine-2,4,6-triamine Melamine 'C3 H6 N6'        126.120 
DT  'DNA linking' y "THYMIDINE-5'-MONOPHOSPHATE"  ?        'C10 H15 N2 O8 P' 322.208 
HOH non-polymer   . WATER                         ?        'H2 O'            18.015  
# 
_exptl.absorpt_coefficient_mu     ? 
_exptl.absorpt_correction_T_max   ? 
_exptl.absorpt_correction_T_min   ? 
_exptl.absorpt_correction_type    ? 
_exptl.absorpt_process_details    ? 
_exptl.entry_id                   6WK7 
_exptl.crystals_number            1 
_exptl.details                    ? 
_exptl.method                     'X-RAY DIFFRACTION' 
_exptl.method_details             ? 
# 
_exptl_crystal.colour                      ? 
_exptl_crystal.density_diffrn              ? 
_exptl_crystal.density_Matthews            3.63 
_exptl_crystal.density_method              ? 
_exptl_crystal.density_percent_sol         66.07 
_exptl_crystal.description                 Cubic-shaped 
_exptl_crystal.F_000                       ? 
_exptl_crystal.id                          1 
_exptl_crystal.preparation                 ? 
_exptl_crystal.size_max                    ? 
_exptl_crystal.size_mid                    ? 
_exptl_crystal.size_min                    ? 
_exptl_crystal.size_rad                    ? 
_exptl_crystal.colour_lustre               ? 
_exptl_crystal.colour_modifier             ? 
_exptl_crystal.colour_primary              ? 
_exptl_crystal.density_meas                ? 
_exptl_crystal.density_meas_esd            ? 
_exptl_crystal.density_meas_gt             ? 
_exptl_crystal.density_meas_lt             ? 
_exptl_crystal.density_meas_temp           ? 
_exptl_crystal.density_meas_temp_esd       ? 
_exptl_crystal.density_meas_temp_gt        ? 
_exptl_crystal.density_meas_temp_lt        ? 
_exptl_crystal.pdbx_crystal_image_url      ? 
_exptl_crystal.pdbx_crystal_image_format   ? 
_exptl_crystal.pdbx_mosaicity              ? 
_exptl_crystal.pdbx_mosaicity_esd          ? 
# 
_exptl_crystal_grow.apparatus       ? 
_exptl_crystal_grow.atmosphere      ? 
_exptl_crystal_grow.crystal_id      1 
_exptl_crystal_grow.details         ? 
_exptl_crystal_grow.method          'VAPOR DIFFUSION, HANGING DROP' 
_exptl_crystal_grow.method_ref      ? 
_exptl_crystal_grow.pH              7.0 
_exptl_crystal_grow.pressure        ? 
_exptl_crystal_grow.pressure_esd    ? 
_exptl_crystal_grow.seeding         ? 
_exptl_crystal_grow.seeding_ref     ? 
_exptl_crystal_grow.temp            293 
_exptl_crystal_grow.temp_details    ? 
_exptl_crystal_grow.temp_esd        ? 
_exptl_crystal_grow.time            ? 
_exptl_crystal_grow.pdbx_details    'magnesium chloride hexahydrate, MOPS, ammonium sulfate, spermine' 
_exptl_crystal_grow.pdbx_pH_range   ? 
# 
_diffrn.ambient_environment              ? 
_diffrn.ambient_temp                     100 
_diffrn.ambient_temp_details             ? 
_diffrn.ambient_temp_esd                 ? 
_diffrn.crystal_id                       1 
_diffrn.crystal_support                  ? 
_diffrn.crystal_treatment                ? 
_diffrn.details                          ? 
_diffrn.id                               1 
_diffrn.ambient_pressure                 ? 
_diffrn.ambient_pressure_esd             ? 
_diffrn.ambient_pressure_gt              ? 
_diffrn.ambient_pressure_lt              ? 
_diffrn.ambient_temp_gt                  ? 
_diffrn.ambient_temp_lt                  ? 
_diffrn.pdbx_serial_crystal_experiment   N 
# 
_diffrn_detector.details                      ? 
_diffrn_detector.detector                     'IMAGE PLATE' 
_diffrn_detector.diffrn_id                    1 
_diffrn_detector.type                         'RIGAKU RAXIS IV++' 
_diffrn_detector.area_resol_mean              ? 
_diffrn_detector.dtime                        ? 
_diffrn_detector.pdbx_frames_total            ? 
_diffrn_detector.pdbx_collection_time_total   ? 
_diffrn_detector.pdbx_collection_date         2016-09-29 
_diffrn_detector.pdbx_frequency               ? 
# 
_diffrn_radiation.collimation                      ? 
_diffrn_radiation.diffrn_id                        1 
_diffrn_radiation.filter_edge                      ? 
_diffrn_radiation.inhomogeneity                    ? 
_diffrn_radiation.monochromator                    ? 
_diffrn_radiation.polarisn_norm                    ? 
_diffrn_radiation.polarisn_ratio                   ? 
_diffrn_radiation.probe                            ? 
_diffrn_radiation.type                             ? 
_diffrn_radiation.xray_symbol                      ? 
_diffrn_radiation.wavelength_id                    1 
_diffrn_radiation.pdbx_monochromatic_or_laue_m_l   M 
_diffrn_radiation.pdbx_wavelength_list             ? 
_diffrn_radiation.pdbx_wavelength                  ? 
_diffrn_radiation.pdbx_diffrn_protocol             'SINGLE WAVELENGTH' 
_diffrn_radiation.pdbx_analyzer                    ? 
_diffrn_radiation.pdbx_scattering_type             x-ray 
# 
_diffrn_radiation_wavelength.id           1 
_diffrn_radiation_wavelength.wavelength   1.54 
_diffrn_radiation_wavelength.wt           1.0 
# 
_diffrn_source.current                     ? 
_diffrn_source.details                     ? 
_diffrn_source.diffrn_id                   1 
_diffrn_source.power                       ? 
_diffrn_source.size                        ? 
_diffrn_source.source                      'ROTATING ANODE' 
_diffrn_source.target                      ? 
_diffrn_source.type                        'RIGAKU RUH2R' 
_diffrn_source.voltage                     ? 
_diffrn_source.take-off_angle              ? 
_diffrn_source.pdbx_wavelength_list        1.54 
_diffrn_source.pdbx_wavelength             ? 
_diffrn_source.pdbx_synchrotron_beamline   ? 
_diffrn_source.pdbx_synchrotron_site       ? 
# 
_reflns.B_iso_Wilson_estimate            44.130 
_reflns.entry_id                         6WK7 
_reflns.data_reduction_details           ? 
_reflns.data_reduction_method            ? 
_reflns.d_resolution_high                2.420 
_reflns.d_resolution_low                 50.000 
_reflns.details                          ? 
_reflns.limit_h_max                      ? 
_reflns.limit_h_min                      ? 
_reflns.limit_k_max                      ? 
_reflns.limit_k_min                      ? 
_reflns.limit_l_max                      ? 
_reflns.limit_l_min                      ? 
_reflns.number_all                       ? 
_reflns.number_obs                       2064 
_reflns.observed_criterion               ? 
_reflns.observed_criterion_F_max         ? 
_reflns.observed_criterion_F_min         ? 
_reflns.observed_criterion_I_max         ? 
_reflns.observed_criterion_I_min         ? 
_reflns.observed_criterion_sigma_F       ? 
_reflns.observed_criterion_sigma_I       ? 
_reflns.percent_possible_obs             99.300 
_reflns.R_free_details                   ? 
_reflns.Rmerge_F_all                     ? 
_reflns.Rmerge_F_obs                     ? 
_reflns.Friedel_coverage                 ? 
_reflns.number_gt                        ? 
_reflns.threshold_expression             ? 
_reflns.pdbx_redundancy                  10.700 
_reflns.pdbx_Rmerge_I_obs                0.054 
_reflns.pdbx_Rmerge_I_all                ? 
_reflns.pdbx_Rsym_value                  ? 
_reflns.pdbx_netI_over_av_sigmaI         ? 
_reflns.pdbx_netI_over_sigmaI            10.900 
_reflns.pdbx_res_netI_over_av_sigmaI_2   ? 
_reflns.pdbx_res_netI_over_sigmaI_2      ? 
_reflns.pdbx_chi_squared                 0.973 
_reflns.pdbx_scaling_rejects             ? 
_reflns.pdbx_d_res_high_opt              ? 
_reflns.pdbx_d_res_low_opt               ? 
_reflns.pdbx_d_res_opt_method            ? 
_reflns.phase_calculation_details        ? 
_reflns.pdbx_Rrim_I_all                  0.057 
_reflns.pdbx_Rpim_I_all                  0.017 
_reflns.pdbx_d_opt                       ? 
_reflns.pdbx_number_measured_all         22011 
_reflns.pdbx_diffrn_id                   1 
_reflns.pdbx_ordinal                     1 
_reflns.pdbx_CC_half                     ? 
_reflns.pdbx_CC_star                     ? 
_reflns.pdbx_R_split                     ? 
# 
loop_
_reflns_shell.d_res_high 
_reflns_shell.d_res_low 
_reflns_shell.meanI_over_sigI_all 
_reflns_shell.meanI_over_sigI_obs 
_reflns_shell.number_measured_all 
_reflns_shell.number_measured_obs 
_reflns_shell.number_possible 
_reflns_shell.number_unique_all 
_reflns_shell.number_unique_obs 
_reflns_shell.percent_possible_all 
_reflns_shell.percent_possible_obs 
_reflns_shell.Rmerge_F_all 
_reflns_shell.Rmerge_F_obs 
_reflns_shell.Rmerge_I_all 
_reflns_shell.Rmerge_I_obs 
_reflns_shell.meanI_over_sigI_gt 
_reflns_shell.meanI_over_uI_all 
_reflns_shell.meanI_over_uI_gt 
_reflns_shell.number_measured_gt 
_reflns_shell.number_unique_gt 
_reflns_shell.percent_possible_gt 
_reflns_shell.Rmerge_F_gt 
_reflns_shell.Rmerge_I_gt 
_reflns_shell.pdbx_redundancy 
_reflns_shell.pdbx_Rsym_value 
_reflns_shell.pdbx_chi_squared 
_reflns_shell.pdbx_netI_over_sigmaI_all 
_reflns_shell.pdbx_netI_over_sigmaI_obs 
_reflns_shell.pdbx_Rrim_I_all 
_reflns_shell.pdbx_Rpim_I_all 
_reflns_shell.pdbx_rejects 
_reflns_shell.pdbx_ordinal 
_reflns_shell.pdbx_diffrn_id 
_reflns_shell.pdbx_CC_half 
_reflns_shell.pdbx_CC_star 
_reflns_shell.pdbx_R_split 
2.420 2.460  ? ? ? ? ? ? 89  88.100  ? ? ? ? 0.362 ? ? ? ? ? ? ? ? 9.600  ? 0.862 ? ? 0.382 0.120 ? 1  1 0.949 ? ? 
2.460 2.510  ? ? ? ? ? ? 109 100.000 ? ? ? ? 0.351 ? ? ? ? ? ? ? ? 10.700 ? 0.851 ? ? 0.368 0.112 ? 2  1 0.952 ? ? 
2.510 2.550  ? ? ? ? ? ? 97  100.000 ? ? ? ? 0.366 ? ? ? ? ? ? ? ? 10.800 ? 0.947 ? ? 0.384 0.117 ? 3  1 0.947 ? ? 
2.550 2.610  ? ? ? ? ? ? 100 100.000 ? ? ? ? 0.317 ? ? ? ? ? ? ? ? 11.000 ? 0.994 ? ? 0.332 0.099 ? 4  1 0.973 ? ? 
2.610 2.660  ? ? ? ? ? ? 104 100.000 ? ? ? ? 0.272 ? ? ? ? ? ? ? ? 10.600 ? 0.932 ? ? 0.286 0.087 ? 5  1 0.972 ? ? 
2.660 2.730  ? ? ? ? ? ? 97  100.000 ? ? ? ? 0.320 ? ? ? ? ? ? ? ? 10.800 ? 1.078 ? ? 0.336 0.102 ? 6  1 0.969 ? ? 
2.730 2.790  ? ? ? ? ? ? 105 100.000 ? ? ? ? 0.200 ? ? ? ? ? ? ? ? 10.900 ? 0.922 ? ? 0.210 0.063 ? 7  1 0.985 ? ? 
2.790 2.870  ? ? ? ? ? ? 101 100.000 ? ? ? ? 0.239 ? ? ? ? ? ? ? ? 10.900 ? 0.987 ? ? 0.250 0.075 ? 8  1 0.989 ? ? 
2.870 2.950  ? ? ? ? ? ? 107 100.000 ? ? ? ? 0.163 ? ? ? ? ? ? ? ? 11.000 ? 0.923 ? ? 0.171 0.051 ? 9  1 0.993 ? ? 
2.950 3.050  ? ? ? ? ? ? 100 100.000 ? ? ? ? 0.122 ? ? ? ? ? ? ? ? 10.900 ? 0.931 ? ? 0.128 0.039 ? 10 1 0.997 ? ? 
3.050 3.160  ? ? ? ? ? ? 94  100.000 ? ? ? ? 0.075 ? ? ? ? ? ? ? ? 10.900 ? 0.984 ? ? 0.079 0.024 ? 11 1 0.998 ? ? 
3.160 3.280  ? ? ? ? ? ? 113 100.000 ? ? ? ? 0.029 ? ? ? ? ? ? ? ? 10.700 ? 0.948 ? ? 0.031 0.010 ? 12 1 1.000 ? ? 
3.280 3.430  ? ? ? ? ? ? 102 100.000 ? ? ? ? 0.036 ? ? ? ? ? ? ? ? 10.700 ? 0.969 ? ? 0.038 0.011 ? 13 1 1.000 ? ? 
3.430 3.610  ? ? ? ? ? ? 98  100.000 ? ? ? ? 0.041 ? ? ? ? ? ? ? ? 10.800 ? 1.161 ? ? 0.042 0.013 ? 14 1 1.000 ? ? 
3.610 3.840  ? ? ? ? ? ? 105 100.000 ? ? ? ? 0.069 ? ? ? ? ? ? ? ? 10.700 ? 1.192 ? ? 0.073 0.022 ? 15 1 0.998 ? ? 
3.840 4.140  ? ? ? ? ? ? 105 100.000 ? ? ? ? 0.062 ? ? ? ? ? ? ? ? 10.700 ? 1.096 ? ? 0.066 0.020 ? 16 1 0.999 ? ? 
4.140 4.550  ? ? ? ? ? ? 108 100.000 ? ? ? ? 0.037 ? ? ? ? ? ? ? ? 10.800 ? 0.957 ? ? 0.039 0.012 ? 17 1 0.999 ? ? 
4.550 5.210  ? ? ? ? ? ? 105 100.000 ? ? ? ? 0.039 ? ? ? ? ? ? ? ? 10.500 ? 0.910 ? ? 0.041 0.013 ? 18 1 1.000 ? ? 
5.210 6.560  ? ? ? ? ? ? 106 100.000 ? ? ? ? 0.032 ? ? ? ? ? ? ? ? 10.700 ? 0.935 ? ? 0.034 0.010 ? 19 1 1.000 ? ? 
6.560 50.000 ? ? ? ? ? ? 119 98.300  ? ? ? ? 0.024 ? ? ? ? ? ? ? ? 9.600  ? 0.878 ? ? 0.026 0.008 ? 20 1 1.000 ? ? 
# 
_refine.aniso_B[1][1]                            ? 
_refine.aniso_B[1][2]                            ? 
_refine.aniso_B[1][3]                            ? 
_refine.aniso_B[2][2]                            ? 
_refine.aniso_B[2][3]                            ? 
_refine.aniso_B[3][3]                            ? 
_refine.B_iso_max                                94.760 
_refine.B_iso_mean                               45.4515 
_refine.B_iso_min                                21.470 
_refine.correlation_coeff_Fo_to_Fc               ? 
_refine.correlation_coeff_Fo_to_Fc_free          ? 
_refine.details                                  ? 
_refine.diff_density_max                         ? 
_refine.diff_density_max_esd                     ? 
_refine.diff_density_min                         ? 
_refine.diff_density_min_esd                     ? 
_refine.diff_density_rms                         ? 
_refine.diff_density_rms_esd                     ? 
_refine.entry_id                                 6WK7 
_refine.pdbx_refine_id                           'X-RAY DIFFRACTION' 
_refine.ls_abs_structure_details                 ? 
_refine.ls_abs_structure_Flack                   ? 
_refine.ls_abs_structure_Flack_esd               ? 
_refine.ls_abs_structure_Rogers                  ? 
_refine.ls_abs_structure_Rogers_esd              ? 
_refine.ls_d_res_high                            2.4230 
_refine.ls_d_res_low                             27.6240 
_refine.ls_extinction_coef                       ? 
_refine.ls_extinction_coef_esd                   ? 
_refine.ls_extinction_expression                 ? 
_refine.ls_extinction_method                     ? 
_refine.ls_goodness_of_fit_all                   ? 
_refine.ls_goodness_of_fit_all_esd               ? 
_refine.ls_goodness_of_fit_obs                   ? 
_refine.ls_goodness_of_fit_obs_esd               ? 
_refine.ls_hydrogen_treatment                    ? 
_refine.ls_matrix_type                           ? 
_refine.ls_number_constraints                    ? 
_refine.ls_number_parameters                     ? 
_refine.ls_number_reflns_all                     ? 
_refine.ls_number_reflns_obs                     2051 
_refine.ls_number_reflns_R_free                  204 
_refine.ls_number_reflns_R_work                  ? 
_refine.ls_number_restraints                     ? 
_refine.ls_percent_reflns_obs                    99.3700 
_refine.ls_percent_reflns_R_free                 9.9500 
_refine.ls_R_factor_all                          ? 
_refine.ls_R_factor_obs                          0.2311 
_refine.ls_R_factor_R_free                       0.2625 
_refine.ls_R_factor_R_free_error                 ? 
_refine.ls_R_factor_R_free_error_details         ? 
_refine.ls_R_factor_R_work                       0.2275 
_refine.ls_R_Fsqd_factor_obs                     ? 
_refine.ls_R_I_factor_obs                        ? 
_refine.ls_redundancy_reflns_all                 ? 
_refine.ls_redundancy_reflns_obs                 ? 
_refine.ls_restrained_S_all                      ? 
_refine.ls_restrained_S_obs                      ? 
_refine.ls_shift_over_esd_max                    ? 
_refine.ls_shift_over_esd_mean                   ? 
_refine.ls_structure_factor_coef                 ? 
_refine.ls_weighting_details                     ? 
_refine.ls_weighting_scheme                      ? 
_refine.ls_wR_factor_all                         ? 
_refine.ls_wR_factor_obs                         ? 
_refine.ls_wR_factor_R_free                      ? 
_refine.ls_wR_factor_R_work                      ? 
_refine.occupancy_max                            ? 
_refine.occupancy_min                            ? 
_refine.solvent_model_details                    ? 
_refine.solvent_model_param_bsol                 ? 
_refine.solvent_model_param_ksol                 ? 
_refine.pdbx_R_complete                          ? 
_refine.ls_R_factor_gt                           ? 
_refine.ls_goodness_of_fit_gt                    ? 
_refine.ls_goodness_of_fit_ref                   ? 
_refine.ls_shift_over_su_max                     ? 
_refine.ls_shift_over_su_max_lt                  ? 
_refine.ls_shift_over_su_mean                    ? 
_refine.ls_shift_over_su_mean_lt                 ? 
_refine.pdbx_ls_sigma_I                          ? 
_refine.pdbx_ls_sigma_F                          1.400 
_refine.pdbx_ls_sigma_Fsqd                       ? 
_refine.pdbx_data_cutoff_high_absF               ? 
_refine.pdbx_data_cutoff_high_rms_absF           ? 
_refine.pdbx_data_cutoff_low_absF                ? 
_refine.pdbx_isotropic_thermal_model             ? 
_refine.pdbx_ls_cross_valid_method               THROUGHOUT 
_refine.pdbx_method_to_determine_struct          'MOLECULAR REPLACEMENT' 
_refine.pdbx_starting_model                      1d3x 
_refine.pdbx_stereochemistry_target_values       ? 
_refine.pdbx_R_Free_selection_details            ? 
_refine.pdbx_stereochem_target_val_spec_case     ? 
_refine.pdbx_overall_ESU_R                       ? 
_refine.pdbx_overall_ESU_R_Free                  ? 
_refine.pdbx_solvent_vdw_probe_radii             1.1100 
_refine.pdbx_solvent_ion_probe_radii             ? 
_refine.pdbx_solvent_shrinkage_radii             0.9000 
_refine.pdbx_real_space_R                        ? 
_refine.pdbx_density_correlation                 ? 
_refine.pdbx_pd_number_of_powder_patterns        ? 
_refine.pdbx_pd_number_of_points                 ? 
_refine.pdbx_pd_meas_number_of_points            ? 
_refine.pdbx_pd_proc_ls_prof_R_factor            ? 
_refine.pdbx_pd_proc_ls_prof_wR_factor           ? 
_refine.pdbx_pd_Marquardt_correlation_coeff      ? 
_refine.pdbx_pd_Fsqrd_R_factor                   ? 
_refine.pdbx_pd_ls_matrix_band_width             ? 
_refine.pdbx_overall_phase_error                 24.0300 
_refine.pdbx_overall_SU_R_free_Cruickshank_DPI   ? 
_refine.pdbx_overall_SU_R_free_Blow_DPI          ? 
_refine.pdbx_overall_SU_R_Blow_DPI               ? 
_refine.pdbx_TLS_residual_ADP_flag               ? 
_refine.pdbx_diffrn_id                           1 
_refine.overall_SU_B                             ? 
_refine.overall_SU_ML                            0.2200 
_refine.overall_SU_R_Cruickshank_DPI             ? 
_refine.overall_SU_R_free                        ? 
_refine.overall_FOM_free_R_set                   ? 
_refine.overall_FOM_work_R_set                   ? 
_refine.pdbx_average_fsc_overall                 ? 
_refine.pdbx_average_fsc_work                    ? 
_refine.pdbx_average_fsc_free                    ? 
# 
_refine_hist.pdbx_refine_id                   'X-RAY DIFFRACTION' 
_refine_hist.cycle_id                         final 
_refine_hist.details                          ? 
_refine_hist.d_res_high                       2.4230 
_refine_hist.d_res_low                        27.6240 
_refine_hist.number_atoms_solvent             29 
_refine_hist.number_atoms_total               317 
_refine_hist.number_reflns_all                ? 
_refine_hist.number_reflns_obs                ? 
_refine_hist.number_reflns_R_free             ? 
_refine_hist.number_reflns_R_work             ? 
_refine_hist.R_factor_all                     ? 
_refine_hist.R_factor_obs                     ? 
_refine_hist.R_factor_R_free                  ? 
_refine_hist.R_factor_R_work                  ? 
_refine_hist.pdbx_number_residues_total       12 
_refine_hist.pdbx_B_iso_mean_ligand           34.40 
_refine_hist.pdbx_B_iso_mean_solvent          56.32 
_refine_hist.pdbx_number_atoms_protein        0 
_refine_hist.pdbx_number_atoms_nucleic_acid   234 
_refine_hist.pdbx_number_atoms_ligand         54 
_refine_hist.pdbx_number_atoms_lipid          ? 
_refine_hist.pdbx_number_atoms_carb           ? 
_refine_hist.pdbx_pseudo_atom_details         ? 
# 
loop_
_refine_ls_restr.pdbx_refine_id 
_refine_ls_restr.criterion 
_refine_ls_restr.dev_ideal 
_refine_ls_restr.dev_ideal_target 
_refine_ls_restr.number 
_refine_ls_restr.rejects 
_refine_ls_restr.type 
_refine_ls_restr.weight 
_refine_ls_restr.pdbx_restraint_function 
'X-RAY DIFFRACTION' ? 0.011  ? 314 ? f_bond_d           ? ? 
'X-RAY DIFFRACTION' ? 1.288  ? 470 ? f_angle_d          ? ? 
'X-RAY DIFFRACTION' ? 0.061  ? 46  ? f_chiral_restr     ? ? 
'X-RAY DIFFRACTION' ? 0.006  ? 18  ? f_plane_restr      ? ? 
'X-RAY DIFFRACTION' ? 37.467 ? 112 ? f_dihedral_angle_d ? ? 
# 
_refine_ls_shell.pdbx_refine_id                   'X-RAY DIFFRACTION' 
_refine_ls_shell.d_res_high                       2.4230 
_refine_ls_shell.d_res_low                        27.6240 
_refine_ls_shell.number_reflns_all                ? 
_refine_ls_shell.number_reflns_obs                ? 
_refine_ls_shell.number_reflns_R_free             204 
_refine_ls_shell.number_reflns_R_work             1847 
_refine_ls_shell.percent_reflns_obs               99.0000 
_refine_ls_shell.percent_reflns_R_free            ? 
_refine_ls_shell.R_factor_all                     ? 
_refine_ls_shell.R_factor_obs                     ? 
_refine_ls_shell.R_factor_R_free                  0.2625 
_refine_ls_shell.R_factor_R_free_error            0.0000 
_refine_ls_shell.R_factor_R_work                  0.2275 
_refine_ls_shell.redundancy_reflns_all            ? 
_refine_ls_shell.redundancy_reflns_obs            ? 
_refine_ls_shell.wR_factor_all                    ? 
_refine_ls_shell.wR_factor_obs                    ? 
_refine_ls_shell.wR_factor_R_free                 ? 
_refine_ls_shell.wR_factor_R_work                 ? 
_refine_ls_shell.pdbx_R_complete                  ? 
_refine_ls_shell.pdbx_total_number_of_bins_used   ? 
_refine_ls_shell.pdbx_phase_error                 ? 
_refine_ls_shell.pdbx_fsc_work                    ? 
_refine_ls_shell.pdbx_fsc_free                    ? 
# 
_struct.entry_id                     6WK7 
_struct.title                        'Crystal Structure Analysis of a poly(thymine) DNA duplex' 
_struct.pdbx_model_details           ? 
_struct.pdbx_formula_weight          ? 
_struct.pdbx_formula_weight_method   ? 
_struct.pdbx_model_type_details      ? 
_struct.pdbx_CASP_flag               N 
# 
_struct_keywords.entry_id        6WK7 
_struct_keywords.text            'melamine-mediated, poly(thymine) DNA duplex, DNA' 
_struct_keywords.pdbx_keywords   DNA 
# 
loop_
_struct_asym.id 
_struct_asym.pdbx_blank_PDB_chainid_flag 
_struct_asym.pdbx_modified 
_struct_asym.entity_id 
_struct_asym.details 
A N N 1 ? 
B N N 1 ? 
C N N 2 ? 
D N N 2 ? 
E N N 2 ? 
F N N 2 ? 
G N N 2 ? 
H N N 2 ? 
I N N 3 ? 
J N N 3 ? 
# 
loop_
_struct_site.id 
_struct_site.pdbx_evidence_code 
_struct_site.pdbx_auth_asym_id 
_struct_site.pdbx_auth_comp_id 
_struct_site.pdbx_auth_seq_id 
_struct_site.pdbx_auth_ins_code 
_struct_site.pdbx_num_residues 
_struct_site.details 
AC1 Software B AX2 101 ? 9  'binding site for residue AX2 B 101' 
AC2 Software B AX2 102 ? 8  'binding site for residue AX2 B 102' 
AC3 Software B AX2 103 ? 7  'binding site for residue AX2 B 103' 
AC4 Software C AX2 101 ? 10 'binding site for residue AX2 C 101' 
AC5 Software C AX2 102 ? 10 'binding site for residue AX2 C 102' 
AC6 Software C AX2 103 ? 8  'binding site for residue AX2 C 103' 
# 
loop_
_struct_site_gen.id 
_struct_site_gen.site_id 
_struct_site_gen.pdbx_num_res 
_struct_site_gen.label_comp_id 
_struct_site_gen.label_asym_id 
_struct_site_gen.label_seq_id 
_struct_site_gen.pdbx_auth_ins_code 
_struct_site_gen.auth_comp_id 
_struct_site_gen.auth_asym_id 
_struct_site_gen.auth_seq_id 
_struct_site_gen.label_atom_id 
_struct_site_gen.label_alt_id 
_struct_site_gen.symmetry 
_struct_site_gen.details 
1  AC1 9  DT  A 1 ? DT  B 1   . ? 1_555  ? 
2  AC1 9  DT  A 2 ? DT  B 2   . ? 1_555  ? 
3  AC1 9  DT  A 3 ? DT  B 3   . ? 1_555  ? 
4  AC1 9  DT  A 4 ? DT  B 4   . ? 2_565  ? 
5  AC1 9  AX2 E . ? AX2 B 103 . ? 1_555  ? 
6  AC1 9  HOH I . ? HOH B 210 . ? 2_565  ? 
7  AC1 9  DT  B 5 ? DT  C 5   . ? 1_555  ? 
8  AC1 9  DT  B 6 ? DT  C 6   . ? 1_555  ? 
9  AC1 9  AX2 F . ? AX2 C 101 . ? 1_555  ? 
10 AC2 8  DT  A 4 ? DT  B 4   . ? 1_555  ? 
11 AC2 8  DT  A 5 ? DT  B 5   . ? 1_555  ? 
12 AC2 8  DT  A 6 ? DT  B 6   . ? 1_555  ? 
13 AC2 8  DT  B 1 ? DT  C 1   . ? 1_555  ? 
14 AC2 8  DT  B 2 ? DT  C 2   . ? 1_555  ? 
15 AC2 8  DT  B 3 ? DT  C 3   . ? 1_555  ? 
16 AC2 8  AX2 G . ? AX2 C 102 . ? 1_555  ? 
17 AC2 8  AX2 H . ? AX2 C 103 . ? 1_555  ? 
18 AC3 7  DT  A 1 ? DT  B 1   . ? 1_555  ? 
19 AC3 7  DT  A 2 ? DT  B 2   . ? 1_555  ? 
20 AC3 7  DT  A 6 ? DT  B 6   . ? 19_554 ? 
21 AC3 7  AX2 C . ? AX2 B 101 . ? 1_555  ? 
22 AC3 7  HOH I . ? HOH B 207 . ? 2_565  ? 
23 AC3 7  DT  B 6 ? DT  C 6   . ? 1_555  ? 
24 AC3 7  AX2 H . ? AX2 C 103 . ? 19_554 ? 
25 AC4 10 DT  A 2 ? DT  B 2   . ? 1_555  ? 
26 AC4 10 DT  A 3 ? DT  B 3   . ? 1_555  ? 
27 AC4 10 DT  A 4 ? DT  B 4   . ? 2_565  ? 
28 AC4 10 DT  A 4 ? DT  B 4   . ? 1_555  ? 
29 AC4 10 DT  A 5 ? DT  B 5   . ? 2_565  ? 
30 AC4 10 AX2 C . ? AX2 B 101 . ? 1_555  ? 
31 AC4 10 DT  B 3 ? DT  C 3   . ? 1_555  ? 
32 AC4 10 DT  B 4 ? DT  C 4   . ? 1_555  ? 
33 AC4 10 DT  B 5 ? DT  C 5   . ? 1_555  ? 
34 AC4 10 AX2 G . ? AX2 C 102 . ? 1_555  ? 
35 AC5 10 DT  A 4 ? DT  B 4   . ? 1_555  ? 
36 AC5 10 DT  A 5 ? DT  B 5   . ? 2_565  ? 
37 AC5 10 DT  A 5 ? DT  B 5   . ? 1_555  ? 
38 AC5 10 AX2 D . ? AX2 B 102 . ? 1_555  ? 
39 AC5 10 DT  B 2 ? DT  C 2   . ? 1_555  ? 
40 AC5 10 DT  B 3 ? DT  C 3   . ? 1_555  ? 
41 AC5 10 DT  B 4 ? DT  C 4   . ? 1_555  ? 
42 AC5 10 AX2 F . ? AX2 C 101 . ? 1_555  ? 
43 AC5 10 HOH J . ? HOH C 205 . ? 1_555  ? 
44 AC5 10 HOH J . ? HOH C 208 . ? 1_555  ? 
45 AC6 8  DT  A 5 ? DT  B 5   . ? 1_555  ? 
46 AC6 8  DT  A 6 ? DT  B 6   . ? 1_555  ? 
47 AC6 8  AX2 D . ? AX2 B 102 . ? 1_555  ? 
48 AC6 8  AX2 E . ? AX2 B 103 . ? 22_555 ? 
49 AC6 8  DT  B 1 ? DT  C 1   . ? 1_555  ? 
50 AC6 8  DT  B 2 ? DT  C 2   . ? 1_555  ? 
51 AC6 8  DT  B 6 ? DT  C 6   . ? 22_555 ? 
52 AC6 8  HOH J . ? HOH C 207 . ? 1_555  ? 
# 
_atom_sites.entry_id                    6WK7 
_atom_sites.Cartn_transf_matrix[1][1]   ? 
_atom_sites.Cartn_transf_matrix[1][2]   ? 
_atom_sites.Cartn_transf_matrix[1][3]   ? 
_atom_sites.Cartn_transf_matrix[2][1]   ? 
_atom_sites.Cartn_transf_matrix[2][2]   ? 
_atom_sites.Cartn_transf_matrix[2][3]   ? 
_atom_sites.Cartn_transf_matrix[3][1]   ? 
_atom_sites.Cartn_transf_matrix[3][2]   ? 
_atom_sites.Cartn_transf_matrix[3][3]   ? 
_atom_sites.Cartn_transf_vector[1]      ? 
_atom_sites.Cartn_transf_vector[2]      ? 
_atom_sites.Cartn_transf_vector[3]      ? 
_atom_sites.fract_transf_matrix[1][1]   0.01076888 
_atom_sites.fract_transf_matrix[1][2]   0.01011896 
_atom_sites.fract_transf_matrix[1][3]   -0.00023818 
_atom_sites.fract_transf_matrix[2][1]   0.00376531 
_atom_sites.fract_transf_matrix[2][2]   -0.00368212 
_atom_sites.fract_transf_matrix[2][3]   0.01380881 
_atom_sites.fract_transf_matrix[3][1]   0.00939534 
_atom_sites.fract_transf_matrix[3][2]   -0.01012263 
_atom_sites.fract_transf_matrix[3][3]   -0.00526107 
_atom_sites.fract_transf_vector[1]      0.084978 
_atom_sites.fract_transf_vector[2]      0.593960 
_atom_sites.fract_transf_vector[3]      0.243025 
_atom_sites.solution_primary            ? 
_atom_sites.solution_secondary          ? 
_atom_sites.solution_hydrogens          ? 
_atom_sites.special_details             ? 
# 
loop_
_atom_type.symbol 
C 
N 
O 
P 
# 
loop_
_atom_site.group_PDB 
_atom_site.id 
_atom_site.type_symbol 
_atom_site.label_atom_id 
_atom_site.label_alt_id 
_atom_site.label_comp_id 
_atom_site.label_asym_id 
_atom_site.label_entity_id 
_atom_site.label_seq_id 
_atom_site.pdbx_PDB_ins_code 
_atom_site.Cartn_x 
_atom_site.Cartn_y 
_atom_site.Cartn_z 
_atom_site.occupancy 
_atom_site.B_iso_or_equiv 
_atom_site.pdbx_formal_charge 
_atom_site.auth_seq_id 
_atom_site.auth_comp_id 
_atom_site.auth_asym_id 
_atom_site.auth_atom_id 
_atom_site.pdbx_PDB_model_num 
ATOM   1   O "O5'" . DT  A 1 1 ? -3.620  9.576   7.242   1.00 69.87 ? 1   DT  B "O5'" 1 
ATOM   2   C "C5'" . DT  A 1 1 ? -3.786  10.495  6.157   1.00 68.14 ? 1   DT  B "C5'" 1 
ATOM   3   C "C4'" . DT  A 1 1 ? -5.061  10.202  5.382   1.00 71.09 ? 1   DT  B "C4'" 1 
ATOM   4   O "O4'" . DT  A 1 1 ? -4.753  10.164  3.964   1.00 68.36 ? 1   DT  B "O4'" 1 
ATOM   5   C "C3'" . DT  A 1 1 ? -5.685  8.843   5.660   1.00 69.48 ? 1   DT  B "C3'" 1 
ATOM   6   O "O3'" . DT  A 1 1 ? -7.041  8.822   5.164   1.00 74.05 ? 1   DT  B "O3'" 1 
ATOM   7   C "C2'" . DT  A 1 1 ? -4.789  7.949   4.821   1.00 61.86 ? 1   DT  B "C2'" 1 
ATOM   8   C "C1'" . DT  A 1 1 ? -4.644  8.806   3.556   1.00 58.52 ? 1   DT  B "C1'" 1 
ATOM   9   N N1    . DT  A 1 1 ? -3.366  8.620   2.867   1.00 39.55 ? 1   DT  B N1    1 
ATOM   10  C C2    . DT  A 1 1 ? -3.378  8.237   1.553   1.00 41.09 ? 1   DT  B C2    1 
ATOM   11  O O2    . DT  A 1 1 ? -4.417  8.048   0.911   1.00 41.12 ? 1   DT  B O2    1 
ATOM   12  N N3    . DT  A 1 1 ? -2.130  8.085   1.000   1.00 41.34 ? 1   DT  B N3    1 
ATOM   13  C C4    . DT  A 1 1 ? -0.910  8.259   1.631   1.00 41.23 ? 1   DT  B C4    1 
ATOM   14  O O4    . DT  A 1 1 ? 0.158   8.082   1.055   1.00 40.54 ? 1   DT  B O4    1 
ATOM   15  C C5    . DT  A 1 1 ? -0.981  8.653   3.014   1.00 39.60 ? 1   DT  B C5    1 
ATOM   16  C C7    . DT  A 1 1 ? 0.275   8.874   3.794   1.00 38.93 ? 1   DT  B C7    1 
ATOM   17  C C6    . DT  A 1 1 ? -2.191  8.815   3.560   1.00 42.86 ? 1   DT  B C6    1 
ATOM   18  P P     . DT  A 1 2 ? -8.126  7.787   5.763   1.00 89.81 ? 2   DT  B P     1 
ATOM   19  O OP1   . DT  A 1 2 ? -9.397  8.536   5.939   1.00 73.12 ? 2   DT  B OP1   1 
ATOM   20  O OP2   . DT  A 1 2 ? -7.463  7.019   6.862   1.00 74.03 ? 2   DT  B OP2   1 
ATOM   21  O "O5'" . DT  A 1 2 ? -8.414  6.793   4.552   1.00 71.88 ? 2   DT  B "O5'" 1 
ATOM   22  C "C5'" . DT  A 1 2 ? -8.849  7.310   3.295   1.00 68.47 ? 2   DT  B "C5'" 1 
ATOM   23  C "C4'" . DT  A 1 2 ? -8.712  6.240   2.239   1.00 64.63 ? 2   DT  B "C4'" 1 
ATOM   24  O "O4'" . DT  A 1 2 ? -7.344  6.221   1.714   1.00 56.66 ? 2   DT  B "O4'" 1 
ATOM   25  C "C3'" . DT  A 1 2 ? -8.970  4.830   2.772   1.00 64.18 ? 2   DT  B "C3'" 1 
ATOM   26  O "O3'" . DT  A 1 2 ? -9.801  4.130   1.863   1.00 66.87 ? 2   DT  B "O3'" 1 
ATOM   27  C "C2'" . DT  A 1 2 ? -7.561  4.223   2.860   1.00 57.26 ? 2   DT  B "C2'" 1 
ATOM   28  C "C1'" . DT  A 1 2 ? -6.908  4.881   1.666   1.00 55.41 ? 2   DT  B "C1'" 1 
ATOM   29  N N1    . DT  A 1 2 ? -5.413  4.844   1.660   1.00 48.42 ? 2   DT  B N1    1 
ATOM   30  C C2    . DT  A 1 2 ? -4.764  4.662   0.458   1.00 43.55 ? 2   DT  B C2    1 
ATOM   31  O O2    . DT  A 1 2 ? -5.349  4.519   -0.609  1.00 43.72 ? 2   DT  B O2    1 
ATOM   32  N N3    . DT  A 1 2 ? -3.405  4.650   0.539   1.00 36.81 ? 2   DT  B N3    1 
ATOM   33  C C4    . DT  A 1 2 ? -2.640  4.799   1.663   1.00 39.56 ? 2   DT  B C4    1 
ATOM   34  O O4    . DT  A 1 2 ? -1.420  4.770   1.623   1.00 42.74 ? 2   DT  B O4    1 
ATOM   35  C C5    . DT  A 1 2 ? -3.365  4.967   2.895   1.00 46.32 ? 2   DT  B C5    1 
ATOM   36  C C7    . DT  A 1 2 ? -2.614  5.134   4.186   1.00 43.92 ? 2   DT  B C7    1 
ATOM   37  C C6    . DT  A 1 2 ? -4.712  4.980   2.838   1.00 48.06 ? 2   DT  B C6    1 
ATOM   38  P P     . DT  A 1 3 ? -10.389 2.680   2.239   1.00 72.42 ? 3   DT  B P     1 
ATOM   39  O OP1   . DT  A 1 3 ? -11.855 2.788   2.037   1.00 66.98 ? 3   DT  B OP1   1 
ATOM   40  O OP2   . DT  A 1 3 ? -9.778  2.169   3.492   1.00 48.31 ? 3   DT  B OP2   1 
ATOM   41  O "O5'" . DT  A 1 3 ? -9.767  1.729   1.121   1.00 60.19 ? 3   DT  B "O5'" 1 
ATOM   42  C "C5'" . DT  A 1 3 ? -10.312 1.702   -0.183  1.00 58.25 ? 3   DT  B "C5'" 1 
ATOM   43  C "C4'" . DT  A 1 3 ? -9.389  0.923   -1.077  1.00 46.04 ? 3   DT  B "C4'" 1 
ATOM   44  O "O4'" . DT  A 1 3 ? -8.096  1.555   -1.012  1.00 45.37 ? 3   DT  B "O4'" 1 
ATOM   45  C "C3'" . DT  A 1 3 ? -9.105  -0.495  -0.602  1.00 43.22 ? 3   DT  B "C3'" 1 
ATOM   46  O "O3'" . DT  A 1 3 ? -10.096 -1.468  -1.035  1.00 37.98 ? 3   DT  B "O3'" 1 
ATOM   47  C "C2'" . DT  A 1 3 ? -7.726  -0.784  -1.173  1.00 46.17 ? 3   DT  B "C2'" 1 
ATOM   48  C "C1'" . DT  A 1 3 ? -7.120  0.602   -1.369  1.00 42.64 ? 3   DT  B "C1'" 1 
ATOM   49  N N1    . DT  A 1 3 ? -5.914  0.811   -0.585  1.00 43.98 ? 3   DT  B N1    1 
ATOM   50  C C2    . DT  A 1 3 ? -4.708  0.733   -1.228  1.00 39.22 ? 3   DT  B C2    1 
ATOM   51  O O2    . DT  A 1 3 ? -4.603  0.526   -2.410  1.00 36.58 ? 3   DT  B O2    1 
ATOM   52  N N3    . DT  A 1 3 ? -3.625  0.938   -0.440  1.00 37.25 ? 3   DT  B N3    1 
ATOM   53  C C4    . DT  A 1 3 ? -3.614  1.193   0.898   1.00 39.35 ? 3   DT  B C4    1 
ATOM   54  O O4    . DT  A 1 3 ? -2.576  1.362   1.513   1.00 42.61 ? 3   DT  B O4    1 
ATOM   55  C C5    . DT  A 1 3 ? -4.899  1.241   1.537   1.00 44.68 ? 3   DT  B C5    1 
ATOM   56  C C7    . DT  A 1 3 ? -4.983  1.506   3.008   1.00 51.42 ? 3   DT  B C7    1 
ATOM   57  C C6    . DT  A 1 3 ? -5.992  1.049   0.776   1.00 42.55 ? 3   DT  B C6    1 
ATOM   58  P P     . DT  A 1 4 ? -10.417 -1.767  -2.575  1.00 39.57 ? 4   DT  B P     1 
ATOM   59  O OP1   . DT  A 1 4 ? -10.729 -0.483  -3.238  1.00 42.98 ? 4   DT  B OP1   1 
ATOM   60  O OP2   . DT  A 1 4 ? -11.465 -2.790  -2.629  1.00 38.18 ? 4   DT  B OP2   1 
ATOM   61  O "O5'" . DT  A 1 4 ? -9.101  -2.467  -3.163  1.00 31.38 ? 4   DT  B "O5'" 1 
ATOM   62  C "C5'" . DT  A 1 4 ? -8.854  -2.371  -4.538  1.00 26.79 ? 4   DT  B "C5'" 1 
ATOM   63  C "C4'" . DT  A 1 4 ? -7.569  -3.050  -4.880  1.00 30.71 ? 4   DT  B "C4'" 1 
ATOM   64  O "O4'" . DT  A 1 4 ? -6.511  -2.509  -4.058  1.00 30.49 ? 4   DT  B "O4'" 1 
ATOM   65  C "C3'" . DT  A 1 4 ? -7.587  -4.551  -4.614  1.00 23.62 ? 4   DT  B "C3'" 1 
ATOM   66  O "O3'" . DT  A 1 4 ? -7.473  -5.231  -5.832  1.00 21.87 ? 4   DT  B "O3'" 1 
ATOM   67  C "C2'" . DT  A 1 4 ? -6.382  -4.800  -3.684  1.00 27.13 ? 4   DT  B "C2'" 1 
ATOM   68  C "C1'" . DT  A 1 4 ? -5.571  -3.519  -3.815  1.00 24.35 ? 4   DT  B "C1'" 1 
ATOM   69  N N1    . DT  A 1 4 ? -4.858  -3.137  -2.607  1.00 31.72 ? 4   DT  B N1    1 
ATOM   70  C C2    . DT  A 1 4 ? -3.548  -2.762  -2.690  1.00 31.41 ? 4   DT  B C2    1 
ATOM   71  O O2    . DT  A 1 4 ? -2.919  -2.787  -3.711  1.00 30.17 ? 4   DT  B O2    1 
ATOM   72  N N3    . DT  A 1 4 ? -2.984  -2.400  -1.515  1.00 34.28 ? 4   DT  B N3    1 
ATOM   73  C C4    . DT  A 1 4 ? -3.594  -2.366  -0.283  1.00 34.25 ? 4   DT  B C4    1 
ATOM   74  O O4    . DT  A 1 4 ? -3.006  -2.014  0.728   1.00 44.31 ? 4   DT  B O4    1 
ATOM   75  C C5    . DT  A 1 4 ? -4.960  -2.759  -0.266  1.00 33.48 ? 4   DT  B C5    1 
ATOM   76  C C7    . DT  A 1 4 ? -5.725  -2.749  1.023   1.00 40.46 ? 4   DT  B C7    1 
ATOM   77  C C6    . DT  A 1 4 ? -5.525  -3.113  -1.420  1.00 31.74 ? 4   DT  B C6    1 
ATOM   78  P P     . DT  A 1 5 ? -7.615  -6.829  -5.875  1.00 28.08 ? 5   DT  B P     1 
ATOM   79  O OP1   . DT  A 1 5 ? -8.449  -7.181  -7.030  1.00 22.75 ? 5   DT  B OP1   1 
ATOM   80  O OP2   . DT  A 1 5 ? -7.982  -7.299  -4.529  1.00 31.01 ? 5   DT  B OP2   1 
ATOM   81  O "O5'" . DT  A 1 5 ? -6.097  -7.271  -6.148  1.00 26.48 ? 5   DT  B "O5'" 1 
ATOM   82  C "C5'" . DT  A 1 5 ? -5.303  -6.384  -6.837  1.00 24.75 ? 5   DT  B "C5'" 1 
ATOM   83  C "C4'" . DT  A 1 5 ? -3.895  -6.888  -7.004  1.00 28.19 ? 5   DT  B "C4'" 1 
ATOM   84  O "O4'" . DT  A 1 5 ? -3.078  -6.331  -5.968  1.00 21.47 ? 5   DT  B "O4'" 1 
ATOM   85  C "C3'" . DT  A 1 5 ? -3.681  -8.399  -6.959  1.00 24.23 ? 5   DT  B "C3'" 1 
ATOM   86  O "O3'" . DT  A 1 5 ? -2.634  -8.719  -7.851  1.00 30.02 ? 5   DT  B "O3'" 1 
ATOM   87  C "C2'" . DT  A 1 5 ? -3.248  -8.638  -5.520  1.00 28.37 ? 5   DT  B "C2'" 1 
ATOM   88  C "C1'" . DT  A 1 5 ? -2.483  -7.356  -5.204  1.00 28.68 ? 5   DT  B "C1'" 1 
ATOM   89  N N1    . DT  A 1 5 ? -2.527  -6.929  -3.765  1.00 25.40 ? 5   DT  B N1    1 
ATOM   90  C C2    . DT  A 1 5 ? -1.388  -6.417  -3.178  1.00 31.98 ? 5   DT  B C2    1 
ATOM   91  O O2    . DT  A 1 5 ? -0.325  -6.328  -3.752  1.00 31.72 ? 5   DT  B O2    1 
ATOM   92  N N3    . DT  A 1 5 ? -1.532  -6.025  -1.880  1.00 30.17 ? 5   DT  B N3    1 
ATOM   93  C C4    . DT  A 1 5 ? -2.675  -6.086  -1.123  1.00 32.12 ? 5   DT  B C4    1 
ATOM   94  O O4    . DT  A 1 5 ? -2.703  -5.721  0.040   1.00 41.27 ? 5   DT  B O4    1 
ATOM   95  C C5    . DT  A 1 5 ? -3.837  -6.615  -1.791  1.00 31.42 ? 5   DT  B C5    1 
ATOM   96  C C7    . DT  A 1 5 ? -5.146  -6.727  -1.047  1.00 27.17 ? 5   DT  B C7    1 
ATOM   97  C C6    . DT  A 1 5 ? -3.706  -7.007  -3.070  1.00 26.53 ? 5   DT  B C6    1 
ATOM   98  P P     . DT  A 1 6 ? -2.415  -10.216 -8.394  1.00 32.98 ? 6   DT  B P     1 
ATOM   99  O OP1   . DT  A 1 6 ? -2.023  -10.039 -9.818  1.00 41.12 ? 6   DT  B OP1   1 
ATOM   100 O OP2   . DT  A 1 6 ? -3.570  -11.064 -8.024  1.00 33.26 ? 6   DT  B OP2   1 
ATOM   101 O "O5'" . DT  A 1 6 ? -1.118  -10.691 -7.626  1.00 38.41 ? 6   DT  B "O5'" 1 
ATOM   102 C "C5'" . DT  A 1 6 ? 0.083   -9.943  -7.786  1.00 38.72 ? 6   DT  B "C5'" 1 
ATOM   103 C "C4'" . DT  A 1 6 ? 1.091   -10.290 -6.701  1.00 51.26 ? 6   DT  B "C4'" 1 
ATOM   104 O "O4'" . DT  A 1 6 ? 0.720   -9.659  -5.450  1.00 47.21 ? 6   DT  B "O4'" 1 
ATOM   105 C "C3'" . DT  A 1 6 ? 1.237   -11.792 -6.390  1.00 48.61 ? 6   DT  B "C3'" 1 
ATOM   106 O "O3'" . DT  A 1 6 ? 2.619   -12.191 -6.506  1.00 52.85 ? 6   DT  B "O3'" 1 
ATOM   107 C "C2'" . DT  A 1 6 ? 0.733   -11.916 -4.950  1.00 44.96 ? 6   DT  B "C2'" 1 
ATOM   108 C "C1'" . DT  A 1 6 ? 1.049   -10.540 -4.409  1.00 42.83 ? 6   DT  B "C1'" 1 
ATOM   109 N N1    . DT  A 1 6 ? 0.272   -10.177 -3.205  1.00 41.17 ? 6   DT  B N1    1 
ATOM   110 C C2    . DT  A 1 6 ? 0.928   -9.583  -2.168  1.00 41.15 ? 6   DT  B C2    1 
ATOM   111 O O2    . DT  A 1 6 ? 2.111   -9.344  -2.195  1.00 43.86 ? 6   DT  B O2    1 
ATOM   112 N N3    . DT  A 1 6 ? 0.143   -9.266  -1.094  1.00 43.10 ? 6   DT  B N3    1 
ATOM   113 C C4    . DT  A 1 6 ? -1.209  -9.499  -0.962  1.00 41.53 ? 6   DT  B C4    1 
ATOM   114 O O4    . DT  A 1 6 ? -1.832  -9.190  0.052   1.00 44.70 ? 6   DT  B O4    1 
ATOM   115 C C5    . DT  A 1 6 ? -1.843  -10.127 -2.102  1.00 37.59 ? 6   DT  B C5    1 
ATOM   116 C C7    . DT  A 1 6 ? -3.310  -10.433 -2.071  1.00 39.96 ? 6   DT  B C7    1 
ATOM   117 C C6    . DT  A 1 6 ? -1.081  -10.433 -3.155  1.00 36.44 ? 6   DT  B C6    1 
ATOM   118 O "O5'" . DT  B 1 1 ? -2.954  -4.250  11.275  1.00 75.82 ? 1   DT  C "O5'" 1 
ATOM   119 C "C5'" . DT  B 1 1 ? -2.273  -5.306  10.600  1.00 54.65 ? 1   DT  C "C5'" 1 
ATOM   120 C "C4'" . DT  B 1 1 ? -0.783  -5.156  10.778  1.00 58.61 ? 1   DT  C "C4'" 1 
ATOM   121 O "O4'" . DT  B 1 1 ? -0.099  -5.753  9.649   1.00 63.77 ? 1   DT  C "O4'" 1 
ATOM   122 C "C3'" . DT  B 1 1 ? -0.302  -3.723  10.789  1.00 62.65 ? 1   DT  C "C3'" 1 
ATOM   123 O "O3'" . DT  B 1 1 ? 0.997   -3.656  11.377  1.00 62.54 ? 1   DT  C "O3'" 1 
ATOM   124 C "C2'" . DT  B 1 1 ? -0.251  -3.419  9.302   1.00 56.84 ? 1   DT  C "C2'" 1 
ATOM   125 C "C1'" . DT  B 1 1 ? 0.287   -4.740  8.734   1.00 53.55 ? 1   DT  C "C1'" 1 
ATOM   126 N N1    . DT  B 1 1 ? -0.291  -5.092  7.430   1.00 39.88 ? 1   DT  C N1    1 
ATOM   127 C C2    . DT  B 1 1 ? 0.532   -5.480  6.387   1.00 45.03 ? 1   DT  C C2    1 
ATOM   128 O O2    . DT  B 1 1 ? 1.754   -5.541  6.465   1.00 43.26 ? 1   DT  C O2    1 
ATOM   129 N N3    . DT  B 1 1 ? -0.135  -5.798  5.232   1.00 41.39 ? 1   DT  C N3    1 
ATOM   130 C C4    . DT  B 1 1 ? -1.506  -5.776  5.026   1.00 40.24 ? 1   DT  C C4    1 
ATOM   131 O O4    . DT  B 1 1 ? -2.010  -6.080  3.947   1.00 39.27 ? 1   DT  C O4    1 
ATOM   132 C C5    . DT  B 1 1 ? -2.296  -5.362  6.165   1.00 37.07 ? 1   DT  C C5    1 
ATOM   133 C C7    . DT  B 1 1 ? -3.783  -5.286  6.075   1.00 33.35 ? 1   DT  C C7    1 
ATOM   134 C C6    . DT  B 1 1 ? -1.656  -5.052  7.290   1.00 41.18 ? 1   DT  C C6    1 
ATOM   135 P P     . DT  B 1 2 ? 1.610   -2.236  11.818  1.00 75.39 ? 2   DT  C P     1 
ATOM   136 O OP1   . DT  B 1 2 ? 2.248   -2.425  13.141  1.00 90.99 ? 2   DT  C OP1   1 
ATOM   137 O OP2   . DT  B 1 2 ? 0.536   -1.218  11.674  1.00 65.53 ? 2   DT  C OP2   1 
ATOM   138 O "O5'" . DT  B 1 2 ? 2.764   -1.983  10.753  1.00 60.78 ? 2   DT  C "O5'" 1 
ATOM   139 C "C5'" . DT  B 1 2 ? 3.635   -3.037  10.402  1.00 66.24 ? 2   DT  C "C5'" 1 
ATOM   140 C "C4'" . DT  B 1 2 ? 4.462   -2.655  9.191   1.00 64.97 ? 2   DT  C "C4'" 1 
ATOM   141 O "O4'" . DT  B 1 2 ? 3.796   -3.081  7.969   1.00 60.41 ? 2   DT  C "O4'" 1 
ATOM   142 C "C3'" . DT  B 1 2 ? 4.706   -1.157  9.040   1.00 75.07 ? 2   DT  C "C3'" 1 
ATOM   143 O "O3'" . DT  B 1 2 ? 6.092   -0.934  8.785   1.00 79.53 ? 2   DT  C "O3'" 1 
ATOM   144 C "C2'" . DT  B 1 2 ? 3.814   -0.761  7.845   1.00 64.82 ? 2   DT  C "C2'" 1 
ATOM   145 C "C1'" . DT  B 1 2 ? 3.840   -2.037  7.023   1.00 57.86 ? 2   DT  C "C1'" 1 
ATOM   146 N N1    . DT  B 1 2 ? 2.674   -2.204  6.106   1.00 46.46 ? 2   DT  C N1    1 
ATOM   147 C C2    . DT  B 1 2 ? 2.893   -2.706  4.845   1.00 41.28 ? 2   DT  C C2    1 
ATOM   148 O O2    . DT  B 1 2 ? 4.000   -2.991  4.423   1.00 39.71 ? 2   DT  C O2    1 
ATOM   149 N N3    . DT  B 1 2 ? 1.763   -2.855  4.079   1.00 40.88 ? 2   DT  C N3    1 
ATOM   150 C C4    . DT  B 1 2 ? 0.468   -2.553  4.440   1.00 42.79 ? 2   DT  C C4    1 
ATOM   151 O O4    . DT  B 1 2 ? -0.479  -2.718  3.675   1.00 40.91 ? 2   DT  C O4    1 
ATOM   152 C C5    . DT  B 1 2 ? 0.302   -2.028  5.789   1.00 42.16 ? 2   DT  C C5    1 
ATOM   153 C C7    . DT  B 1 2 ? -1.071  -1.664  6.292   1.00 33.90 ? 2   DT  C C7    1 
ATOM   154 C C6    . DT  B 1 2 ? 1.403   -1.884  6.546   1.00 43.72 ? 2   DT  C C6    1 
ATOM   155 P P     . DT  B 1 3 ? 6.747   0.507   9.060   1.00 94.76 ? 3   DT  C P     1 
ATOM   156 O OP1   . DT  B 1 3 ? 7.783   0.370   10.105  1.00 88.59 ? 3   DT  C OP1   1 
ATOM   157 O OP2   . DT  B 1 3 ? 5.644   1.492   9.247   1.00 81.31 ? 3   DT  C OP2   1 
ATOM   158 O "O5'" . DT  B 1 3 ? 7.481   0.798   7.684   1.00 80.22 ? 3   DT  C "O5'" 1 
ATOM   159 C "C5'" . DT  B 1 3 ? 6.779   0.588   6.501   1.00 67.89 ? 3   DT  C "C5'" 1 
ATOM   160 C "C4'" . DT  B 1 3 ? 7.713   0.220   5.386   1.00 62.62 ? 3   DT  C "C4'" 1 
ATOM   161 O "O4'" . DT  B 1 3 ? 6.961   -0.500  4.392   1.00 60.24 ? 3   DT  C "O4'" 1 
ATOM   162 C "C3'" . DT  B 1 3 ? 8.286   1.413   4.655   1.00 62.30 ? 3   DT  C "C3'" 1 
ATOM   163 O "O3'" . DT  B 1 3 ? 9.478   1.060   3.984   1.00 55.43 ? 3   DT  C "O3'" 1 
ATOM   164 C "C2'" . DT  B 1 3 ? 7.169   1.754   3.677   1.00 61.31 ? 3   DT  C "C2'" 1 
ATOM   165 C "C1'" . DT  B 1 3 ? 6.593   0.374   3.345   1.00 56.49 ? 3   DT  C "C1'" 1 
ATOM   166 N N1    . DT  B 1 3 ? 5.105   0.355   3.215   1.00 48.67 ? 3   DT  C N1    1 
ATOM   167 C C2    . DT  B 1 3 ? 4.545   -0.217  2.098   1.00 46.09 ? 3   DT  C C2    1 
ATOM   168 O O2    . DT  B 1 3 ? 5.209   -0.709  1.197   1.00 40.64 ? 3   DT  C O2    1 
ATOM   169 N N3    . DT  B 1 3 ? 3.178   -0.192  2.071   1.00 39.00 ? 3   DT  C N3    1 
ATOM   170 C C4    . DT  B 1 3 ? 2.332   0.344   3.025   1.00 42.48 ? 3   DT  C C4    1 
ATOM   171 O O4    . DT  B 1 3 ? 1.107   0.310   2.917   1.00 39.39 ? 3   DT  C O4    1 
ATOM   172 C C5    . DT  B 1 3 ? 2.985   0.931   4.170   1.00 44.77 ? 3   DT  C C5    1 
ATOM   173 C C7    . DT  B 1 3 ? 2.166   1.540   5.276   1.00 43.02 ? 3   DT  C C7    1 
ATOM   174 C C6    . DT  B 1 3 ? 4.327   0.911   4.205   1.00 47.64 ? 3   DT  C C6    1 
ATOM   175 P P     . DT  B 1 4 ? 10.295  2.200   3.203   1.00 72.01 ? 4   DT  C P     1 
ATOM   176 O OP1   . DT  B 1 4 ? 11.714  1.788   3.038   1.00 61.05 ? 4   DT  C OP1   1 
ATOM   177 O OP2   . DT  B 1 4 ? 9.869   3.482   3.831   1.00 58.62 ? 4   DT  C OP2   1 
ATOM   178 O "O5'" . DT  B 1 4 ? 9.707   2.157   1.722   1.00 62.48 ? 4   DT  C "O5'" 1 
ATOM   179 C "C5'" . DT  B 1 4 ? 9.863   0.984   0.956   1.00 57.90 ? 4   DT  C "C5'" 1 
ATOM   180 C "C4'" . DT  B 1 4 ? 9.235   1.160   -0.404  1.00 54.36 ? 4   DT  C "C4'" 1 
ATOM   181 O "O4'" . DT  B 1 4 ? 7.786   1.078   -0.316  1.00 51.70 ? 4   DT  C "O4'" 1 
ATOM   182 C "C3'" . DT  B 1 4 ? 9.550   2.486   -1.064  1.00 51.37 ? 4   DT  C "C3'" 1 
ATOM   183 O "O3'" . DT  B 1 4 ? 9.980   2.214   -2.352  1.00 55.74 ? 4   DT  C "O3'" 1 
ATOM   184 C "C2'" . DT  B 1 4 ? 8.204   3.234   -1.049  1.00 51.68 ? 4   DT  C "C2'" 1 
ATOM   185 C "C1'" . DT  B 1 4 ? 7.214   2.083   -1.106  1.00 45.47 ? 4   DT  C "C1'" 1 
ATOM   186 N N1    . DT  B 1 4 ? 5.906   2.384   -0.528  1.00 41.87 ? 4   DT  C N1    1 
ATOM   187 C C2    . DT  B 1 4 ? 4.763   1.959   -1.182  1.00 39.86 ? 4   DT  C C2    1 
ATOM   188 O O2    . DT  B 1 4 ? 4.779   1.358   -2.243  1.00 38.63 ? 4   DT  C O2    1 
ATOM   189 N N3    . DT  B 1 4 ? 3.594   2.262   -0.544  1.00 33.20 ? 4   DT  C N3    1 
ATOM   190 C C4    . DT  B 1 4 ? 3.447   2.926   0.664   1.00 40.44 ? 4   DT  C C4    1 
ATOM   191 O O4    . DT  B 1 4 ? 2.339   3.151   1.168   1.00 36.13 ? 4   DT  C O4    1 
ATOM   192 C C5    . DT  B 1 4 ? 4.687   3.343   1.293   1.00 41.87 ? 4   DT  C C5    1 
ATOM   193 C C7    . DT  B 1 4 ? 4.652   4.080   2.597   1.00 44.93 ? 4   DT  C C7    1 
ATOM   194 C C6    . DT  B 1 4 ? 5.843   3.044   0.678   1.00 42.14 ? 4   DT  C C6    1 
ATOM   195 P P     . DT  B 1 5 ? 10.782  3.316   -3.178  1.00 69.89 ? 5   DT  C P     1 
ATOM   196 O OP1   . DT  B 1 5 ? 11.868  2.595   -3.883  1.00 56.17 ? 5   DT  C OP1   1 
ATOM   197 O OP2   . DT  B 1 5 ? 11.062  4.445   -2.252  1.00 59.13 ? 5   DT  C OP2   1 
ATOM   198 O "O5'" . DT  B 1 5 ? 9.725   3.723   -4.302  1.00 59.05 ? 5   DT  C "O5'" 1 
ATOM   199 C "C5'" . DT  B 1 5 ? 9.272   2.720   -5.160  1.00 51.64 ? 5   DT  C "C5'" 1 
ATOM   200 C "C4'" . DT  B 1 5 ? 7.940   3.066   -5.781  1.00 50.38 ? 5   DT  C "C4'" 1 
ATOM   201 O "O4'" . DT  B 1 5 ? 6.928   3.266   -4.772  1.00 48.89 ? 5   DT  C "O4'" 1 
ATOM   202 C "C3'" . DT  B 1 5 ? 7.921   4.318   -6.648  1.00 45.52 ? 5   DT  C "C3'" 1 
ATOM   203 O "O3'" . DT  B 1 5 ? 7.782   3.895   -7.980  1.00 38.27 ? 5   DT  C "O3'" 1 
ATOM   204 C "C2'" . DT  B 1 5 ? 6.676   5.107   -6.143  1.00 45.49 ? 5   DT  C "C2'" 1 
ATOM   205 C "C1'" . DT  B 1 5 ? 5.918   4.039   -5.354  1.00 44.43 ? 5   DT  C "C1'" 1 
ATOM   206 N N1    . DT  B 1 5 ? 5.043   4.547   -4.262  1.00 42.57 ? 5   DT  C N1    1 
ATOM   207 C C2    . DT  B 1 5 ? 3.688   4.302   -4.313  1.00 35.20 ? 5   DT  C C2    1 
ATOM   208 O O2    . DT  B 1 5 ? 3.147   3.733   -5.237  1.00 36.33 ? 5   DT  C O2    1 
ATOM   209 N N3    . DT  B 1 5 ? 2.980   4.770   -3.246  1.00 35.53 ? 5   DT  C N3    1 
ATOM   210 C C4    . DT  B 1 5 ? 3.485   5.437   -2.142  1.00 42.22 ? 5   DT  C C4    1 
ATOM   211 O O4    . DT  B 1 5 ? 2.760   5.831   -1.228  1.00 43.67 ? 5   DT  C O4    1 
ATOM   212 C C5    . DT  B 1 5 ? 4.915   5.648   -2.142  1.00 39.94 ? 5   DT  C C5    1 
ATOM   213 C C7    . DT  B 1 5 ? 5.577   6.358   -1.000  1.00 42.31 ? 5   DT  C C7    1 
ATOM   214 C C6    . DT  B 1 5 ? 5.615   5.191   -3.184  1.00 40.74 ? 5   DT  C C6    1 
ATOM   215 P P     . DT  B 1 6 ? 7.797   4.942   -9.190  1.00 49.50 ? 6   DT  C P     1 
ATOM   216 O OP1   . DT  B 1 6 ? 8.099   4.164   -10.408 1.00 44.64 ? 6   DT  C OP1   1 
ATOM   217 O OP2   . DT  B 1 6 ? 8.582   6.129   -8.762  1.00 49.48 ? 6   DT  C OP2   1 
ATOM   218 O "O5'" . DT  B 1 6 ? 6.273   5.373   -9.337  1.00 43.19 ? 6   DT  C "O5'" 1 
ATOM   219 C "C5'" . DT  B 1 6 ? 5.288   4.378   -9.432  1.00 41.22 ? 6   DT  C "C5'" 1 
ATOM   220 C "C4'" . DT  B 1 6 ? 3.974   5.003   -9.800  1.00 41.10 ? 6   DT  C "C4'" 1 
ATOM   221 O "O4'" . DT  B 1 6 ? 3.214   5.217   -8.585  1.00 38.06 ? 6   DT  C "O4'" 1 
ATOM   222 C "C3'" . DT  B 1 6 ? 4.108   6.375   -10.471 1.00 44.55 ? 6   DT  C "C3'" 1 
ATOM   223 O "O3'" . DT  B 1 6 ? 3.126   6.535   -11.470 1.00 46.88 ? 6   DT  C "O3'" 1 
ATOM   224 C "C2'" . DT  B 1 6 ? 3.867   7.324   -9.318  1.00 43.20 ? 6   DT  C "C2'" 1 
ATOM   225 C "C1'" . DT  B 1 6 ? 2.811   6.556   -8.546  1.00 39.95 ? 6   DT  C "C1'" 1 
ATOM   226 N N1    . DT  B 1 6 ? 2.704   6.979   -7.152  1.00 37.96 ? 6   DT  C N1    1 
ATOM   227 C C2    . DT  B 1 6 ? 1.480   6.958   -6.562  1.00 35.98 ? 6   DT  C C2    1 
ATOM   228 O O2    . DT  B 1 6 ? 0.483   6.563   -7.138  1.00 31.29 ? 6   DT  C O2    1 
ATOM   229 N N3    . DT  B 1 6 ? 1.465   7.399   -5.263  1.00 33.01 ? 6   DT  C N3    1 
ATOM   230 C C4    . DT  B 1 6 ? 2.547   7.855   -4.537  1.00 36.35 ? 6   DT  C C4    1 
ATOM   231 O O4    . DT  B 1 6 ? 2.446   8.237   -3.379  1.00 42.66 ? 6   DT  C O4    1 
ATOM   232 C C5    . DT  B 1 6 ? 3.805   7.861   -5.238  1.00 35.42 ? 6   DT  C C5    1 
ATOM   233 C C7    . DT  B 1 6 ? 5.040   8.343   -4.562  1.00 41.25 ? 6   DT  C C7    1 
ATOM   234 C C6    . DT  B 1 6 ? 3.821   7.438   -6.496  1.00 36.93 ? 6   DT  C C6    1 
HETATM 235 C C2    . AX2 C 2 . ? -2.584  3.964   -3.330  1.00 27.10 ? 101 AX2 B C2    1 
HETATM 236 C C4    . AX2 C 2 . ? -0.520  3.982   -4.307  1.00 28.41 ? 101 AX2 B C4    1 
HETATM 237 C C6    . AX2 C 2 . ? -0.740  4.645   -2.157  1.00 31.71 ? 101 AX2 B C6    1 
HETATM 238 N N7    . AX2 C 2 . ? -4.021  3.709   -3.397  1.00 36.70 ? 101 AX2 B N7    1 
HETATM 239 N N8    . AX2 C 2 . ? -0.098  5.143   -0.956  1.00 34.42 ? 101 AX2 B N8    1 
HETATM 240 N N5    . AX2 C 2 . ? 0.015   4.427   -3.201  1.00 33.55 ? 101 AX2 B N5    1 
HETATM 241 N N9    . AX2 C 2 . ? 0.356   3.763   -5.433  1.00 29.26 ? 101 AX2 B N9    1 
HETATM 242 N N3    . AX2 C 2 . ? -1.816  3.749   -4.379  1.00 25.90 ? 101 AX2 B N3    1 
HETATM 243 N N1    . AX2 C 2 . ? -2.040  4.401   -2.215  1.00 32.59 ? 101 AX2 B N1    1 
HETATM 244 C C2    . AX2 D 2 . ? 2.096   -5.186  -1.134  1.00 34.16 ? 102 AX2 B C2    1 
HETATM 245 C C4    . AX2 D 2 . ? 0.707   -4.652  0.615   1.00 34.28 ? 102 AX2 B C4    1 
HETATM 246 C C6    . AX2 D 2 . ? 2.924   -4.233  0.775   1.00 42.78 ? 102 AX2 B C6    1 
HETATM 247 N N7    . AX2 D 2 . ? 2.313   -5.719  -2.469  1.00 32.36 ? 102 AX2 B N7    1 
HETATM 248 N N8    . AX2 D 2 . ? 4.082   -3.735  1.505   1.00 44.94 ? 102 AX2 B N8    1 
HETATM 249 N N5    . AX2 D 2 . ? 1.712   -4.194  1.317   1.00 36.63 ? 102 AX2 B N5    1 
HETATM 250 N N9    . AX2 D 2 . ? -0.619  -4.612  1.180   1.00 31.88 ? 102 AX2 B N9    1 
HETATM 251 N N3    . AX2 D 2 . ? 0.895   -5.145  -0.604  1.00 34.30 ? 102 AX2 B N3    1 
HETATM 252 N N1    . AX2 D 2 . ? 3.108   -4.724  -0.437  1.00 37.49 ? 102 AX2 B N1    1 
HETATM 253 C C2    . AX2 E 2 . ? -2.343  7.130   -4.483  1.00 30.67 ? 103 AX2 B C2    1 
HETATM 254 C C4    . AX2 E 2 . ? -1.301  7.851   -2.573  1.00 30.37 ? 103 AX2 B C4    1 
HETATM 255 C C6    . AX2 E 2 . ? -3.548  7.387   -2.560  1.00 39.36 ? 103 AX2 B C6    1 
HETATM 256 N N7    . AX2 E 2 . ? -2.296  6.777   -5.888  1.00 27.99 ? 103 AX2 B N7    1 
HETATM 257 N N8    . AX2 E 2 . ? -4.809  7.322   -1.842  1.00 40.40 ? 103 AX2 B N8    1 
HETATM 258 N N5    . AX2 E 2 . ? -2.451  7.784   -1.926  1.00 37.07 ? 103 AX2 B N5    1 
HETATM 259 N N9    . AX2 E 2 . ? -0.112  8.268   -1.871  1.00 30.14 ? 103 AX2 B N9    1 
HETATM 260 N N3    . AX2 E 2 . ? -1.246  7.525   -3.850  1.00 30.32 ? 103 AX2 B N3    1 
HETATM 261 N N1    . AX2 E 2 . ? -3.496  7.065   -3.848  1.00 33.40 ? 103 AX2 B N1    1 
HETATM 262 C C2    . AX2 F 2 . ? -1.059  0.674   -3.077  1.00 26.84 ? 101 AX2 C C2    1 
HETATM 263 C C4    . AX2 F 2 . ? 1.176   1.138   -3.005  1.00 26.57 ? 101 AX2 C C4    1 
HETATM 264 C C6    . AX2 F 2 . ? -0.123  1.559   -1.185  1.00 29.19 ? 101 AX2 C C6    1 
HETATM 265 N N7    . AX2 F 2 . ? -2.222  0.187   -3.803  1.00 26.29 ? 101 AX2 C N7    1 
HETATM 266 N N8    . AX2 F 2 . ? -0.252  2.043   0.178   1.00 29.05 ? 101 AX2 C N8    1 
HETATM 267 N N5    . AX2 F 2 . ? 1.053   1.561   -1.769  1.00 29.41 ? 101 AX2 C N5    1 
HETATM 268 N N9    . AX2 F 2 . ? 2.462   1.154   -3.653  1.00 28.72 ? 101 AX2 C N9    1 
HETATM 269 N N3    . AX2 F 2 . ? 0.125   0.694   -3.653  1.00 28.65 ? 101 AX2 C N3    1 
HETATM 270 N N1    . AX2 F 2 . ? -1.180  1.106   -1.840  1.00 27.50 ? 101 AX2 C N1    1 
HETATM 271 C C2    . AX2 G 2 . ? 0.600   -2.420  -2.541  1.00 32.13 ? 102 AX2 C C2    1 
HETATM 272 C C4    . AX2 G 2 . ? 0.664   -1.618  -0.396  1.00 34.94 ? 102 AX2 C C4    1 
HETATM 273 C C6    . AX2 G 2 . ? 2.603   -1.872  -1.572  1.00 41.51 ? 102 AX2 C C6    1 
HETATM 274 N N7    . AX2 G 2 . ? -0.172  -2.905  -3.680  1.00 33.43 ? 102 AX2 C N7    1 
HETATM 275 N N8    . AX2 G 2 . ? 4.057   -1.779  -1.674  1.00 48.56 ? 102 AX2 C N8    1 
HETATM 276 N N5    . AX2 G 2 . ? 1.971   -1.517  -0.461  1.00 33.53 ? 102 AX2 C N5    1 
HETATM 277 N N9    . AX2 G 2 . ? -0.049  -1.249  0.809   1.00 40.62 ? 102 AX2 C N9    1 
HETATM 278 N N3    . AX2 G 2 . ? -0.021  -2.065  -1.433  1.00 31.95 ? 102 AX2 C N3    1 
HETATM 279 N N1    . AX2 G 2 . ? 1.920   -2.323  -2.616  1.00 33.77 ? 102 AX2 C N1    1 
HETATM 280 C C2    . AX2 H 2 . ? 0.787   -7.557  2.049   1.00 39.31 ? 103 AX2 C C2    1 
HETATM 281 C C4    . AX2 H 2 . ? 2.918   -7.683  1.221   1.00 40.66 ? 103 AX2 C C4    1 
HETATM 282 C C6    . AX2 H 2 . ? 2.534   -6.654  3.221   1.00 40.71 ? 103 AX2 C C6    1 
HETATM 283 N N7    . AX2 H 2 . ? -0.649  -7.791  1.975   1.00 36.37 ? 103 AX2 C N7    1 
HETATM 284 N N8    . AX2 H 2 . ? 2.983   -5.954  4.400   1.00 47.02 ? 103 AX2 C N8    1 
HETATM 285 N N5    . AX2 H 2 . ? 3.378   -7.045  2.287   1.00 45.87 ? 103 AX2 C N5    1 
HETATM 286 N N9    . AX2 H 2 . ? 3.854   -8.105  0.192   1.00 38.89 ? 103 AX2 C N9    1 
HETATM 287 N N3    . AX2 H 2 . ? 1.626   -7.945  1.102   1.00 33.98 ? 103 AX2 C N3    1 
HETATM 288 N N1    . AX2 H 2 . ? 1.257   -6.916  3.099   1.00 43.84 ? 103 AX2 C N1    1 
HETATM 289 O O     . HOH I 3 . ? 0.691   4.881   2.620   1.00 48.38 ? 201 HOH B O     1 
HETATM 290 O O     . HOH I 3 . ? -7.314  9.905   2.958   1.00 94.16 ? 202 HOH B O     1 
HETATM 291 O O     . HOH I 3 . ? 2.634   7.425   1.286   1.00 65.24 ? 203 HOH B O     1 
HETATM 292 O O     . HOH I 3 . ? 1.976   -7.334  -5.187  1.00 45.48 ? 204 HOH B O     1 
HETATM 293 O O     . HOH I 3 . ? -6.307  -9.300  -4.022  1.00 42.80 ? 205 HOH B O     1 
HETATM 294 O O     . HOH I 3 . ? -4.370  -6.344  2.028   1.00 36.08 ? 206 HOH B O     1 
HETATM 295 O O     . HOH I 3 . ? -12.303 -5.176  -1.756  1.00 38.79 ? 207 HOH B O     1 
HETATM 296 O O     . HOH I 3 . ? -11.131 -2.453  1.402   1.00 47.87 ? 208 HOH B O     1 
HETATM 297 O O     . HOH I 3 . ? -7.659  4.470   -2.378  1.00 52.51 ? 209 HOH B O     1 
HETATM 298 O O     . HOH I 3 . ? -10.381 -9.019  -4.416  1.00 41.93 ? 210 HOH B O     1 
HETATM 299 O O     . HOH I 3 . ? -5.318  13.052  4.268   1.00 77.96 ? 211 HOH B O     1 
HETATM 300 O O     . HOH I 3 . ? 7.728   -6.863  -5.579  1.00 74.54 ? 212 HOH B O     1 
HETATM 301 O O     . HOH J 3 . ? 9.324   6.075   -2.767  1.00 60.94 ? 201 HOH C O     1 
HETATM 302 O O     . HOH J 3 . ? 3.803   9.578   -1.845  1.00 51.60 ? 202 HOH C O     1 
HETATM 303 O O     . HOH J 3 . ? 6.071   1.505   11.862  1.00 82.71 ? 203 HOH C O     1 
HETATM 304 O O     . HOH J 3 . ? -3.164  -2.603  3.487   1.00 47.00 ? 204 HOH C O     1 
HETATM 305 O O     . HOH J 3 . ? 1.721   -3.927  -5.347  1.00 34.23 ? 205 HOH C O     1 
HETATM 306 O O     . HOH J 3 . ? -1.157  1.408   4.090   1.00 60.43 ? 206 HOH C O     1 
HETATM 307 O O     . HOH J 3 . ? 5.959   -5.755  4.807   1.00 58.06 ? 207 HOH C O     1 
HETATM 308 O O     . HOH J 3 . ? 4.025   -2.373  -4.806  1.00 51.41 ? 208 HOH C O     1 
HETATM 309 O O     . HOH J 3 . ? -5.256  -5.201  9.500   1.00 72.62 ? 209 HOH C O     1 
HETATM 310 O O     . HOH J 3 . ? 5.391   -0.056  -4.923  1.00 66.97 ? 210 HOH C O     1 
HETATM 311 O O     . HOH J 3 . ? 1.847   -0.691  -6.139  1.00 40.17 ? 211 HOH C O     1 
HETATM 312 O O     . HOH J 3 . ? 9.665   2.912   9.860   1.00 59.61 ? 212 HOH C O     1 
HETATM 313 O O     . HOH J 3 . ? 11.997  2.735   6.087   1.00 52.16 ? 213 HOH C O     1 
HETATM 314 O O     . HOH J 3 . ? 3.385   2.031   -7.941  1.00 46.38 ? 214 HOH C O     1 
HETATM 315 O O     . HOH J 3 . ? 3.807   -4.775  14.975  1.00 58.91 ? 215 HOH C O     1 
HETATM 316 O O     . HOH J 3 . ? 6.755   -6.611  2.578   1.00 47.18 ? 216 HOH C O     1 
HETATM 317 O O     . HOH J 3 . ? 10.045  -2.380  5.112   1.00 77.05 ? 217 HOH C O     1 
# 
loop_
_atom_site_anisotrop.id 
_atom_site_anisotrop.type_symbol 
_atom_site_anisotrop.pdbx_label_atom_id 
_atom_site_anisotrop.pdbx_label_alt_id 
_atom_site_anisotrop.pdbx_label_comp_id 
_atom_site_anisotrop.pdbx_label_asym_id 
_atom_site_anisotrop.pdbx_label_seq_id 
_atom_site_anisotrop.pdbx_PDB_ins_code 
_atom_site_anisotrop.U[1][1] 
_atom_site_anisotrop.U[2][2] 
_atom_site_anisotrop.U[3][3] 
_atom_site_anisotrop.U[1][2] 
_atom_site_anisotrop.U[1][3] 
_atom_site_anisotrop.U[2][3] 
_atom_site_anisotrop.pdbx_auth_seq_id 
_atom_site_anisotrop.pdbx_auth_comp_id 
_atom_site_anisotrop.pdbx_auth_asym_id 
_atom_site_anisotrop.pdbx_auth_atom_id 
1   O "O5'" . DT  A 1 ? 1.1890 0.6888 0.7768 -0.1393 0.1413  -0.0070 1   DT  B "O5'" 
2   C "C5'" . DT  A 1 ? 1.1511 0.6685 0.7695 -0.1249 0.1561  -0.0090 1   DT  B "C5'" 
3   C "C4'" . DT  A 1 ? 1.1786 0.7108 0.8118 -0.1110 0.1763  -0.0159 1   DT  B "C4'" 
4   O "O4'" . DT  A 1 ? 1.1215 0.6789 0.7972 -0.0925 0.1781  -0.0096 1   DT  B "O4'" 
5   C "C3'" . DT  A 1 ? 1.1631 0.6922 0.7847 -0.1130 0.1730  -0.0163 1   DT  B "C3'" 
6   O "O3'" . DT  A 1 ? 1.2154 0.7539 0.8441 -0.1027 0.1952  -0.0262 1   DT  B "O3'" 
7   C "C2'" . DT  A 1 ? 1.0522 0.5960 0.7022 -0.1039 0.1560  -0.0039 1   DT  B "C2'" 
8   C "C1'" . DT  A 1 ? 0.9903 0.5559 0.6774 -0.0869 0.1671  -0.0029 1   DT  B "C1'" 
9   N N1    . DT  A 1 ? 0.7378 0.3143 0.4507 -0.0803 0.1495  0.0096  1   DT  B N1    
10  C C2    . DT  A 1 ? 0.7366 0.3374 0.4872 -0.0608 0.1533  0.0142  1   DT  B C2    
11  O O2    . DT  A 1 ? 0.7280 0.3425 0.4922 -0.0485 0.1712  0.0081  1   DT  B O2    
12  N N3    . DT  A 1 ? 0.7289 0.3397 0.5020 -0.0548 0.1353  0.0260  1   DT  B N3    
13  C C4    . DT  A 1 ? 0.7369 0.3331 0.4966 -0.0676 0.1149  0.0336  1   DT  B C4    
14  O O4    . DT  A 1 ? 0.7133 0.3284 0.4985 -0.0593 0.0974  0.0430  1   DT  B O4    
15  C C5    . DT  A 1 ? 0.7374 0.3089 0.4581 -0.0882 0.1124  0.0278  1   DT  B C5    
16  C C7    . DT  A 1 ? 0.7388 0.2961 0.4442 -0.1024 0.0912  0.0344  1   DT  B C7    
17  C C6    . DT  A 1 ? 0.7887 0.3516 0.4882 -0.0931 0.1298  0.0163  1   DT  B C6    
18  P P     . DT  A 2 ? 1.4255 0.9546 1.0322 -0.1080 0.1997  -0.0325 2   DT  B P     
19  O OP1   . DT  A 2 ? 1.2180 0.7426 0.8176 -0.1062 0.2207  -0.0473 2   DT  B OP1   
20  O OP2   . DT  A 2 ? 1.2410 0.7519 0.8200 -0.1243 0.1788  -0.0259 2   DT  B OP2   
21  O "O5'" . DT  A 2 ? 1.1796 0.7313 0.8201 -0.0913 0.2016  -0.0286 2   DT  B "O5'" 
22  C "C5'" . DT  A 2 ? 1.1178 0.6912 0.7925 -0.0723 0.2182  -0.0323 2   DT  B "C5'" 
23  C "C4'" . DT  A 2 ? 1.0519 0.6462 0.7574 -0.0583 0.2138  -0.0244 2   DT  B "C4'" 
24  O "O4'" . DT  A 2 ? 0.9411 0.5441 0.6678 -0.0540 0.1962  -0.0115 2   DT  B "O4'" 
25  C "C3'" . DT  A 2 ? 1.0544 0.6396 0.7444 -0.0660 0.2034  -0.0222 2   DT  B "C3'" 
26  O "O3'" . DT  A 2 ? 1.0748 0.6774 0.7884 -0.0512 0.2151  -0.0253 2   DT  B "O3'" 
27  C "C2'" . DT  A 2 ? 0.9664 0.5485 0.6605 -0.0704 0.1764  -0.0084 2   DT  B "C2'" 
28  C "C1'" . DT  A 2 ? 0.9238 0.5268 0.6547 -0.0542 0.1784  -0.0034 2   DT  B "C1'" 
29  N N1    . DT  A 2 ? 0.8338 0.4345 0.5713 -0.0571 0.1549  0.0087  2   DT  B N1    
30  C C2    . DT  A 2 ? 0.7487 0.3787 0.5275 -0.0381 0.1473  0.0154  2   DT  B C2    
31  O O2    . DT  A 2 ? 0.7302 0.3895 0.5412 -0.0187 0.1585  0.0118  2   DT  B O2    
32  N N3    . DT  A 2 ? 0.6616 0.2919 0.4453 -0.0411 0.1245  0.0257  2   DT  B N3    
33  C C4    . DT  A 2 ? 0.7174 0.3179 0.4680 -0.0616 0.1101  0.0304  2   DT  B C4    
34  O O4    . DT  A 2 ? 0.7535 0.3580 0.5124 -0.0624 0.0897  0.0396  2   DT  B O4    
35  C C5    . DT  A 2 ? 0.8241 0.4005 0.5352 -0.0794 0.1176  0.0222  2   DT  B C5    
36  C C7    . DT  A 2 ? 0.8119 0.3663 0.4905 -0.0992 0.1013  0.0247  2   DT  B C7    
37  C C6    . DT  A 2 ? 0.8467 0.4256 0.5536 -0.0759 0.1390  0.0117  2   DT  B C6    
38  P P     . DT  A 3 ? 1.1511 0.7473 0.8533 -0.0562 0.2101  -0.0254 3   DT  B P     
39  O OP1   . DT  A 3 ? 1.0695 0.6802 0.7951 -0.0529 0.2176  -0.0289 3   DT  B OP1   
40  O OP2   . DT  A 3 ? 0.8640 0.4374 0.5340 -0.0754 0.1898  -0.0198 3   DT  B OP2   
41  O "O5'" . DT  A 3 ? 0.9774 0.5931 0.7165 -0.0412 0.1987  -0.0156 3   DT  B "O5'" 
42  C "C5'" . DT  A 3 ? 0.9263 0.5794 0.7076 -0.0195 0.2093  -0.0179 3   DT  B "C5'" 
43  C "C4'" . DT  A 3 ? 0.7531 0.4281 0.5680 -0.0036 0.1913  -0.0117 3   DT  B "C4'" 
44  O "O4'" . DT  A 3 ? 0.7445 0.4178 0.5614 -0.0063 0.1759  -0.0029 3   DT  B "O4'" 
45  C "C3'" . DT  A 3 ? 0.7243 0.3882 0.5297 -0.0114 0.1716  -0.0059 3   DT  B "C3'" 
46  O "O3'" . DT  A 3 ? 0.6491 0.3260 0.4680 -0.0027 0.1796  -0.0120 3   DT  B "O3'" 
47  C "C2'" . DT  A 3 ? 0.7467 0.4292 0.5785 -0.0023 0.1474  0.0049  3   DT  B "C2'" 
48  C "C1'" . DT  A 3 ? 0.6989 0.3856 0.5354 -0.0003 0.1513  0.0065  3   DT  B "C1'" 
49  N N1    . DT  A 3 ? 0.7298 0.3954 0.5457 -0.0153 0.1315  0.0159  3   DT  B N1    
50  C C2    . DT  A 3 ? 0.6534 0.3398 0.4969 -0.0051 0.1123  0.0250  3   DT  B C2    
51  O O2    . DT  A 3 ? 0.5950 0.3163 0.4786 0.0158  0.1115  0.0256  3   DT  B O2    
52  N N3    . DT  A 3 ? 0.6425 0.3081 0.4649 -0.0200 0.0944  0.0332  3   DT  B N3    
53  C C4    . DT  A 3 ? 0.6968 0.3242 0.4741 -0.0435 0.0933  0.0330  3   DT  B C4    
54  O O4    . DT  A 3 ? 0.7483 0.3605 0.5101 -0.0552 0.0761  0.0405  3   DT  B O4    
55  C C5    . DT  A 3 ? 0.7804 0.3874 0.5298 -0.0533 0.1135  0.0235  3   DT  B C5    
56  C C7    . DT  A 3 ? 0.8914 0.4667 0.5955 -0.0767 0.1117  0.0213  3   DT  B C7    
57  C C6    . DT  A 3 ? 0.7402 0.3668 0.5099 -0.0390 0.1317  0.0154  3   DT  B C6    
58  P P     . DT  A 4 ? 0.6334 0.3636 0.5063 0.0228  0.1809  -0.0135 4   DT  B P     
59  O OP1   . DT  A 4 ? 0.6574 0.4217 0.5539 0.0265  0.1829  -0.0111 4   DT  B OP1   
60  O OP2   . DT  A 4 ? 0.6101 0.3516 0.4889 0.0218  0.1817  -0.0164 4   DT  B OP2   
61  O "O5'" . DT  A 4 ? 0.5175 0.2590 0.4156 0.0349  0.1580  -0.0051 4   DT  B "O5'" 
62  C "C5'" . DT  A 4 ? 0.4265 0.2192 0.3722 0.0554  0.1521  -0.0033 4   DT  B "C5'" 
63  C "C4'" . DT  A 4 ? 0.4689 0.2648 0.4331 0.0652  0.1306  0.0053  4   DT  B "C4'" 
64  O "O4'" . DT  A 4 ? 0.4824 0.2541 0.4218 0.0494  0.1167  0.0142  4   DT  B "O4'" 
65  C "C3'" . DT  A 4 ? 0.3821 0.1713 0.3441 0.0615  0.1152  0.0076  4   DT  B "C3'" 
66  O "O3'" . DT  A 4 ? 0.3312 0.1634 0.3367 0.0813  0.1064  0.0071  4   DT  B "O3'" 
67  C "C2'" . DT  A 4 ? 0.4434 0.2066 0.3808 0.0444  0.0908  0.0193  4   DT  B "C2'" 
68  C "C1'" . DT  A 4 ? 0.4062 0.1733 0.3458 0.0453  0.0905  0.0235  4   DT  B "C1'" 
69  N N1    . DT  A 4 ? 0.5240 0.2560 0.4253 0.0230  0.0798  0.0302  4   DT  B N1    
70  C C2    . DT  A 4 ? 0.5161 0.2528 0.4246 0.0233  0.0620  0.0396  4   DT  B C2    
71  O O2    . DT  A 4 ? 0.4775 0.2459 0.4228 0.0411  0.0537  0.0434  4   DT  B O2    
72  N N3    . DT  A 4 ? 0.5761 0.2792 0.4471 0.0018  0.0535  0.0446  4   DT  B N3    
73  C C4    . DT  A 4 ? 0.6027 0.2689 0.4297 -0.0193 0.0612  0.0412  4   DT  B C4    
74  O O4    . DT  A 4 ? 0.7501 0.3885 0.5451 -0.0376 0.0524  0.0458  4   DT  B O4    
75  C C5    . DT  A 4 ? 0.5957 0.2592 0.4173 -0.0184 0.0800  0.0317  4   DT  B C5    
76  C C7    . DT  A 4 ? 0.7121 0.3377 0.4873 -0.0404 0.0899  0.0275  4   DT  B C7    
77  C C6    . DT  A 4 ? 0.5504 0.2465 0.4091 0.0024  0.0885  0.0267  4   DT  B C6    
78  P P     . DT  A 5 ? 0.4067 0.2388 0.4215 0.0845  0.0939  0.0073  5   DT  B P     
79  O OP1   . DT  A 5 ? 0.3113 0.1983 0.3547 0.0896  0.0900  -0.0015 5   DT  B OP1   
80  O OP2   . DT  A 5 ? 0.4730 0.2608 0.4445 0.0618  0.0940  0.0084  5   DT  B OP2   
81  O "O5'" . DT  A 5 ? 0.3777 0.2183 0.4100 0.0908  0.0661  0.0194  5   DT  B "O5'" 
82  C "C5'" . DT  A 5 ? 0.3400 0.2088 0.3914 0.0980  0.0601  0.0221  5   DT  B "C5'" 
83  C "C4'" . DT  A 5 ? 0.3769 0.2526 0.4417 0.1019  0.0330  0.0331  5   DT  B "C4'" 
84  O "O4'" . DT  A 5 ? 0.3139 0.1541 0.3477 0.0858  0.0253  0.0431  5   DT  B "O4'" 
85  C "C3'" . DT  A 5 ? 0.3250 0.1995 0.3961 0.1030  0.0142  0.0359  5   DT  B "C3'" 
86  O "O3'" . DT  A 5 ? 0.3812 0.2917 0.4676 0.1091  -0.0079 0.0342  5   DT  B "O3'" 
87  C "C2'" . DT  A 5 ? 0.4071 0.2340 0.4368 0.0803  0.0038  0.0453  5   DT  B "C2'" 
88  C "C1'" . DT  A 5 ? 0.4184 0.2370 0.4342 0.0730  0.0035  0.0505  5   DT  B "C1'" 
89  N N1    . DT  A 5 ? 0.4082 0.1827 0.3741 0.0467  0.0056  0.0527  5   DT  B N1    
90  C C2    . DT  A 5 ? 0.5024 0.2616 0.4511 0.0353  -0.0094 0.0619  5   DT  B C2    
91  O O2    . DT  A 5 ? 0.4848 0.2639 0.4566 0.0451  -0.0249 0.0689  5   DT  B O2    
92  N N3    . DT  A 5 ? 0.5076 0.2279 0.4109 0.0119  -0.0058 0.0625  5   DT  B N3    
93  C C4    . DT  A 5 ? 0.5505 0.2460 0.4240 -0.0010 0.0110  0.0553  5   DT  B C4    
94  O O4    . DT  A 5 ? 0.6911 0.3528 0.5241 -0.0217 0.0127  0.0565  5   DT  B O4    
95  C C5    . DT  A 5 ? 0.5293 0.2420 0.4226 0.0116  0.0265  0.0462  5   DT  B C5    
96  C C7    . DT  A 5 ? 0.4934 0.1819 0.3571 -0.0012 0.0458  0.0379  5   DT  B C7    
97  C C6    . DT  A 5 ? 0.4396 0.1906 0.3779 0.0346  0.0230  0.0452  5   DT  B C6    
98  P P     . DT  A 6 ? 0.4126 0.3417 0.4988 0.1149  -0.0209 0.0310  6   DT  B P     
99  O OP1   . DT  A 6 ? 0.5022 0.4742 0.5862 0.1175  -0.0227 0.0186  6   DT  B OP1   
100 O OP2   . DT  A 6 ? 0.4203 0.3352 0.5083 0.1131  -0.0139 0.0272  6   DT  B OP2   
101 O "O5'" . DT  A 6 ? 0.4888 0.4002 0.5705 0.1074  -0.0368 0.0486  6   DT  B "O5'" 
102 C "C5'" . DT  A 6 ? 0.4895 0.4117 0.5701 0.1064  -0.0433 0.0539  6   DT  B "C5'" 
103 C "C4'" . DT  A 6 ? 0.6611 0.5557 0.7310 0.0918  -0.0642 0.0669  6   DT  B "C4'" 
104 O "O4'" . DT  A 6 ? 0.6359 0.4786 0.6793 0.0775  -0.0672 0.0745  6   DT  B "O4'" 
105 C "C3'" . DT  A 6 ? 0.6293 0.5196 0.6980 0.0863  -0.0775 0.0684  6   DT  B "C3'" 
106 O "O3'" . DT  A 6 ? 0.6770 0.5833 0.7478 0.0828  -0.0905 0.0715  6   DT  B "O3'" 
107 C "C2'" . DT  A 6 ? 0.6120 0.4464 0.6498 0.0696  -0.0864 0.0758  6   DT  B "C2'" 
108 C "C1'" . DT  A 6 ? 0.5996 0.4109 0.6171 0.0610  -0.0846 0.0814  6   DT  B "C1'" 
109 N N1    . DT  A 6 ? 0.6083 0.3735 0.5823 0.0407  -0.0748 0.0809  6   DT  B N1    
110 C C2    . DT  A 6 ? 0.6295 0.3658 0.5683 0.0215  -0.0817 0.0875  6   DT  B C2    
111 O O2    . DT  A 6 ? 0.6607 0.4017 0.6040 0.0217  -0.0989 0.0959  6   DT  B O2    
112 N N3    . DT  A 6 ? 0.6788 0.3814 0.5773 0.0022  -0.0675 0.0836  6   DT  B N3    
113 C C4    . DT  A 6 ? 0.6642 0.3593 0.5542 0.0002  -0.0475 0.0742  6   DT  B C4    
114 O O4    . DT  A 6 ? 0.7273 0.3916 0.5795 -0.0180 -0.0359 0.0714  6   DT  B O4    
115 C C5    . DT  A 6 ? 0.5908 0.3176 0.5198 0.0209  -0.0410 0.0676  6   DT  B C5    
116 C C7    . DT  A 6 ? 0.6238 0.3462 0.5482 0.0206  -0.0197 0.0570  6   DT  B C7    
117 C C6    . DT  A 6 ? 0.5519 0.3119 0.5205 0.0400  -0.0549 0.0710  6   DT  B C6    
118 O "O5'" . DT  B 1 ? 1.3080 0.7617 0.8114 -0.1812 0.0023  0.0494  1   DT  C "O5'" 
119 C "C5'" . DT  B 1 ? 1.0271 0.4932 0.5563 -0.1723 -0.0149 0.0589  1   DT  C "C5'" 
120 C "C4'" . DT  B 1 ? 1.0771 0.5432 0.6067 -0.1755 -0.0369 0.0672  1   DT  C "C4'" 
121 O "O4'" . DT  B 1 ? 1.1234 0.6096 0.6898 -0.1611 -0.0497 0.0747  1   DT  C "O4'" 
122 C "C3'" . DT  B 1 ? 1.1301 0.5948 0.6555 -0.1778 -0.0325 0.0641  1   DT  C "C3'" 
123 O "O3'" . DT  B 1 ? 1.1346 0.5929 0.6486 -0.1859 -0.0534 0.0710  1   DT  C "O3'" 
124 C "C2'" . DT  B 1 ? 1.0354 0.5227 0.6014 -0.1600 -0.0270 0.0650  1   DT  C "C2'" 
125 C "C1'" . DT  B 1 ? 0.9821 0.4815 0.5710 -0.1513 -0.0451 0.0740  1   DT  C "C1'" 
126 N N1    . DT  B 1 ? 0.7912 0.3092 0.4148 -0.1342 -0.0362 0.0731  1   DT  C N1    
127 C C2    . DT  B 1 ? 0.8388 0.3761 0.4959 -0.1202 -0.0503 0.0807  1   DT  C C2    
128 O O2    . DT  B 1 ? 0.8135 0.3551 0.4750 -0.1211 -0.0702 0.0880  1   DT  C O2    
129 N N3    . DT  B 1 ? 0.7778 0.3304 0.4642 -0.1043 -0.0406 0.0787  1   DT  C N3    
130 C C4    . DT  B 1 ? 0.7647 0.3149 0.4495 -0.1017 -0.0180 0.0699  1   DT  C C4    
131 O O4    . DT  B 1 ? 0.7386 0.3029 0.4507 -0.0864 -0.0106 0.0682  1   DT  C O4    
132 C C5    . DT  B 1 ? 0.7426 0.2739 0.3921 -0.1172 -0.0042 0.0624  1   DT  C C5    
133 C C7    . DT  B 1 ? 0.6975 0.2270 0.3426 -0.1156 0.0203  0.0521  1   DT  C C7    
134 C C6    . DT  B 1 ? 0.8092 0.3255 0.4301 -0.1321 -0.0142 0.0645  1   DT  C C6    
135 P P     . DT  B 2 ? 1.3053 0.7550 0.8041 -0.1940 -0.0524 0.0683  2   DT  C P     
136 O OP1   . DT  B 2 ? 1.5210 0.9514 0.9849 -0.2106 -0.0672 0.0709  2   DT  C OP1   
137 O OP2   . DT  B 2 ? 1.1822 0.6301 0.6774 -0.1927 -0.0271 0.0577  2   DT  C OP2   
138 O "O5'" . DT  B 2 ? 1.1022 0.5715 0.6358 -0.1822 -0.0652 0.0756  2   DT  C "O5'" 
139 C "C5'" . DT  B 2 ? 1.1619 0.6421 0.7130 -0.1766 -0.0866 0.0851  2   DT  C "C5'" 
140 C "C4'" . DT  B 2 ? 1.1259 0.6282 0.7144 -0.1624 -0.0933 0.0903  2   DT  C "C4'" 
141 O "O4'" . DT  B 2 ? 1.0513 0.5719 0.6722 -0.1456 -0.0839 0.0899  2   DT  C "O4'" 
142 C "C3'" . DT  B 2 ? 1.2538 0.7553 0.8432 -0.1635 -0.0841 0.0869  2   DT  C "C3'" 
143 O "O3'" . DT  B 2 ? 1.3025 0.8134 0.9057 -0.1617 -0.1033 0.0945  2   DT  C "O3'" 
144 C "C2'" . DT  B 2 ? 1.1095 0.6262 0.7272 -0.1483 -0.0640 0.0825  2   DT  C "C2'" 
145 C "C1'" . DT  B 2 ? 1.0068 0.5404 0.6512 -0.1352 -0.0736 0.0884  2   DT  C "C1'" 
146 N N1    . DT  B 2 ? 0.8524 0.3963 0.5167 -0.1223 -0.0548 0.0836  2   DT  C N1    
147 C C2    . DT  B 2 ? 0.7669 0.3333 0.4684 -0.1043 -0.0603 0.0887  2   DT  C C2    
148 O O2    . DT  B 2 ? 0.7355 0.3165 0.4565 -0.0978 -0.0796 0.0968  2   DT  C O2    
149 N N3    . DT  B 2 ? 0.7546 0.3279 0.4708 -0.0932 -0.0422 0.0834  2   DT  C N3    
150 C C4    . DT  B 2 ? 0.7888 0.3501 0.4871 -0.0986 -0.0192 0.0733  2   DT  C C4    
151 O O4    . DT  B 2 ? 0.7569 0.3265 0.4710 -0.0873 -0.0035 0.0684  2   DT  C O4    
152 C C5    . DT  B 2 ? 0.8008 0.3405 0.4607 -0.1174 -0.0149 0.0684  2   DT  C C5    
153 C C7    . DT  B 2 ? 0.7069 0.2353 0.3459 -0.1237 0.0088  0.0572  2   DT  C C7    
154 C C6    . DT  B 2 ? 0.8284 0.3598 0.4729 -0.1282 -0.0329 0.0738  2   DT  C C6    
155 P P     . DT  B 3 ? 1.5003 1.0045 1.0954 -0.1688 -0.1020 0.0930  3   DT  C P     
156 O OP1   . DT  B 3 ? 1.4350 0.9259 1.0052 -0.1830 -0.1220 0.0970  3   DT  C OP1   
157 O OP2   . DT  B 3 ? 1.3378 0.8317 0.9199 -0.1722 -0.0768 0.0828  3   DT  C OP2   
158 O "O5'" . DT  B 3 ? 1.2930 0.8235 0.9314 -0.1519 -0.1076 0.0993  3   DT  C "O5'" 
159 C "C5'" . DT  B 3 ? 1.1207 0.6692 0.7895 -0.1351 -0.0957 0.0987  3   DT  C "C5'" 
160 C "C4'" . DT  B 3 ? 1.0320 0.6076 0.7397 -0.1192 -0.1111 0.1075  3   DT  C "C4'" 
161 O "O4'" . DT  B 3 ? 0.9876 0.5800 0.7211 -0.1031 -0.1038 0.1075  3   DT  C "O4'" 
162 C "C3'" . DT  B 3 ? 1.0163 0.6045 0.7462 -0.1120 -0.1081 0.1098  3   DT  C "C3'" 
163 O "O3'" . DT  B 3 ? 0.9115 0.5238 0.6706 -0.1016 -0.1282 0.1184  3   DT  C "O3'" 
164 C "C2'" . DT  B 3 ? 0.9940 0.5915 0.7439 -0.0984 -0.0858 0.1054  3   DT  C "C2'" 
165 C "C1'" . DT  B 3 ? 0.9274 0.5331 0.6860 -0.0899 -0.0886 0.1060  3   DT  C "C1'" 
166 N N1    . DT  B 3 ? 0.8334 0.4309 0.5852 -0.0877 -0.0649 0.0976  3   DT  C N1    
167 C C2    . DT  B 3 ? 0.7829 0.4026 0.5657 -0.0689 -0.0591 0.0972  3   DT  C C2    
168 O O2    . DT  B 3 ? 0.6930 0.3409 0.5102 -0.0531 -0.0727 0.1033  3   DT  C O2    
169 N N3    . DT  B 3 ? 0.6965 0.3122 0.4730 -0.0674 -0.0361 0.0872  3   DT  C N3    
170 C C4    . DT  B 3 ? 0.7629 0.3489 0.5023 -0.0838 -0.0194 0.0796  3   DT  C C4    
171 O O4    . DT  B 3 ? 0.7250 0.3102 0.4616 -0.0809 0.0010  0.0709  3   DT  C O4    
172 C C5    . DT  B 3 ? 0.8074 0.3755 0.5181 -0.1018 -0.0272 0.0799  3   DT  C C5    
173 C C7    . DT  B 3 ? 0.8042 0.3508 0.4794 -0.1173 -0.0110 0.0697  3   DT  C C7    
174 C C6    . DT  B 3 ? 0.8394 0.4133 0.5572 -0.1029 -0.0491 0.0887  3   DT  C C6    
175 P P     . DT  B 4 ? 1.1068 0.7364 0.8929 -0.0934 -0.1293 0.1226  4   DT  C P     
176 O OP1   . DT  B 4 ? 0.9559 0.6045 0.7591 -0.0902 -0.1533 0.1298  4   DT  C OP1   
177 O OP2   . DT  B 4 ? 0.9532 0.5590 0.7150 -0.1062 -0.1129 0.1164  4   DT  C OP2   
178 O "O5'" . DT  B 4 ? 0.9631 0.6208 0.7898 -0.0701 -0.1177 0.1234  4   DT  C "O5'" 
179 C "C5'" . DT  B 4 ? 0.8867 0.5718 0.7414 -0.0545 -0.1279 0.1264  4   DT  C "C5'" 
180 C "C4'" . DT  B 4 ? 0.8203 0.5326 0.7125 -0.0323 -0.1144 0.1255  4   DT  C "C4'" 
181 O "O4'" . DT  B 4 ? 0.7957 0.4936 0.6749 -0.0328 -0.0937 0.1178  4   DT  C "O4'" 
182 C "C3'" . DT  B 4 ? 0.7712 0.4962 0.6846 -0.0247 -0.1063 0.1277  4   DT  C "C3'" 
183 O "O3'" . DT  B 4 ? 0.7959 0.5667 0.7553 -0.0020 -0.1093 0.1292  4   DT  C "O3'" 
184 C "C2'" . DT  B 4 ? 0.7810 0.4972 0.6855 -0.0252 -0.0769 0.1165  4   DT  C "C2'" 
185 C "C1'" . DT  B 4 ? 0.7034 0.4196 0.6046 -0.0207 -0.0719 0.1118  4   DT  C "C1'" 
186 N N1    . DT  B 4 ? 0.6744 0.3680 0.5486 -0.0300 -0.0489 0.1011  4   DT  C N1    
187 C C2    . DT  B 4 ? 0.6384 0.3475 0.5283 -0.0166 -0.0324 0.0940  4   DT  C C2    
188 O O2    . DT  B 4 ? 0.6003 0.3415 0.5261 0.0030  -0.0357 0.0957  4   DT  C O2    
189 N N3    . DT  B 4 ? 0.5712 0.2571 0.4330 -0.0271 -0.0118 0.0844  4   DT  C N3    
190 C C4    . DT  B 4 ? 0.6888 0.3387 0.5091 -0.0489 -0.0062 0.0810  4   DT  C C4    
191 O O4    . DT  B 4 ? 0.6481 0.2796 0.4451 -0.0567 0.0129  0.0720  4   DT  C O4    
192 C C5    . DT  B 4 ? 0.7163 0.3521 0.5226 -0.0618 -0.0245 0.0886  4   DT  C C5    
193 C C7    . DT  B 4 ? 0.7822 0.3803 0.5444 -0.0852 -0.0206 0.0851  4   DT  C C7    
194 C C6    . DT  B 4 ? 0.7032 0.3612 0.5368 -0.0520 -0.0448 0.0982  4   DT  C C6    
195 P P     . DT  B 5 ? 0.9555 0.7542 0.9458 0.0087  -0.1071 0.1318  5   DT  C P     
196 O OP1   . DT  B 5 ? 0.7594 0.5983 0.7766 0.0195  -0.1194 0.1305  5   DT  C OP1   
197 O OP2   . DT  B 5 ? 0.8403 0.6044 0.8023 -0.0103 -0.1068 0.1349  5   DT  C OP2   
198 O "O5'" . DT  B 5 ? 0.8009 0.6222 0.8206 0.0287  -0.0849 0.1277  5   DT  C "O5'" 
199 C "C5'" . DT  B 5 ? 0.6896 0.5420 0.7307 0.0454  -0.0810 0.1211  5   DT  C "C5'" 
200 C "C4'" . DT  B 5 ? 0.6665 0.5259 0.7216 0.0579  -0.0580 0.1156  5   DT  C "C4'" 
201 O "O4'" . DT  B 5 ? 0.6724 0.4930 0.6919 0.0417  -0.0445 0.1105  5   DT  C "O4'" 
202 C "C3'" . DT  B 5 ? 0.5891 0.4729 0.6677 0.0692  -0.0421 0.1121  5   DT  C "C3'" 
203 O "O3'" . DT  B 5 ? 0.4750 0.4041 0.5751 0.0848  -0.0373 0.0985  5   DT  C "O3'" 
204 C "C2'" . DT  B 5 ? 0.6030 0.4597 0.6654 0.0628  -0.0174 0.1080  5   DT  C "C2'" 
205 C "C1'" . DT  B 5 ? 0.6078 0.4402 0.6402 0.0518  -0.0184 0.1024  5   DT  C "C1'" 
206 N N1    . DT  B 5 ? 0.6105 0.4053 0.6016 0.0324  -0.0020 0.0939  5   DT  C N1    
207 C C2    . DT  B 5 ? 0.5202 0.3122 0.5050 0.0356  0.0179  0.0839  5   DT  C C2    
208 O O2    . DT  B 5 ? 0.5162 0.3357 0.5287 0.0537  0.0237  0.0813  5   DT  C O2    
209 N N3    . DT  B 5 ? 0.5494 0.3060 0.4947 0.0167  0.0312  0.0767  5   DT  C N3    
210 C C4    . DT  B 5 ? 0.6562 0.3802 0.5678 -0.0045 0.0263  0.0783  5   DT  C C4    
211 O O4    . DT  B 5 ? 0.6961 0.3902 0.5730 -0.0202 0.0394  0.0709  5   DT  C O4    
212 C C5    . DT  B 5 ? 0.6229 0.3515 0.5432 -0.0069 0.0048  0.0885  5   DT  C C5    
213 C C7    . DT  B 5 ? 0.6750 0.3710 0.5617 -0.0291 -0.0025 0.0904  5   DT  C C7    
214 C C6    . DT  B 5 ? 0.6087 0.3718 0.5675 0.0114  -0.0082 0.0959  5   DT  C C6    
215 P P     . DT  B 6 ? 0.5997 0.5620 0.7190 0.0926  -0.0247 0.0885  6   DT  C P     
216 O OP1   . DT  B 6 ? 0.5276 0.5202 0.6483 0.0981  -0.0308 0.0730  6   DT  C OP1   
217 O OP2   . DT  B 6 ? 0.6026 0.5533 0.7241 0.0872  -0.0259 0.0990  6   DT  C OP2   
218 O "O5'" . DT  B 6 ? 0.5186 0.4804 0.6421 0.0961  -0.0014 0.0825  6   DT  C "O5'" 
219 C "C5'" . DT  B 6 ? 0.4942 0.4580 0.6140 0.0986  0.0023  0.0750  6   DT  C "C5'" 
220 C "C4'" . DT  B 6 ? 0.4896 0.4604 0.6118 0.1004  0.0256  0.0666  6   DT  C "C4'" 
221 O "O4'" . DT  B 6 ? 0.4700 0.4001 0.5762 0.0980  0.0418  0.0733  6   DT  C "O4'" 
222 C "C3'" . DT  B 6 ? 0.5256 0.5119 0.6553 0.0997  0.0349  0.0640  6   DT  C "C3'" 
223 O "O3'" . DT  B 6 ? 0.5492 0.5547 0.6773 0.0980  0.0427  0.0515  6   DT  C "O3'" 
224 C "C2'" . DT  B 6 ? 0.5226 0.4739 0.6448 0.0981  0.0518  0.0739  6   DT  C "C2'" 
225 C "C1'" . DT  B 6 ? 0.4965 0.4205 0.6010 0.0971  0.0619  0.0717  6   DT  C "C1'" 
226 N N1    . DT  B 6 ? 0.5012 0.3692 0.5719 0.0836  0.0700  0.0768  6   DT  C N1    
227 C C2    . DT  B 6 ? 0.4924 0.3382 0.5363 0.0748  0.0880  0.0664  6   DT  C C2    
228 O O2    . DT  B 6 ? 0.4234 0.2853 0.4802 0.0874  0.1020  0.0595  6   DT  C O2    
229 N N3    . DT  B 6 ? 0.4827 0.2874 0.4840 0.0506  0.0888  0.0638  6   DT  C N3    
230 C C4    . DT  B 6 ? 0.5376 0.3221 0.5217 0.0352  0.0734  0.0705  6   DT  C C4    
231 O O4    . DT  B 6 ? 0.6422 0.3907 0.5878 0.0142  0.0753  0.0672  6   DT  C O4    
232 C C5    . DT  B 6 ? 0.5069 0.3168 0.5219 0.0457  0.0551  0.0814  6   DT  C C5    
233 C C7    . DT  B 6 ? 0.5912 0.3837 0.5923 0.0307  0.0376  0.0891  6   DT  C C7    
234 C C6    . DT  B 6 ? 0.4991 0.3490 0.5553 0.0691  0.0545  0.0842  6   DT  C C6    
235 C C2    . AX2 C . ? 0.4557 0.2012 0.3728 0.0265  0.1149  0.0353  101 AX2 B C2    
236 C C4    . AX2 C . ? 0.4463 0.2260 0.4070 0.0413  0.0839  0.0518  101 AX2 B C4    
237 C C6    . AX2 C . ? 0.5343 0.2481 0.4223 0.0025  0.0880  0.0477  101 AX2 B C6    
238 N N7    . AX2 C . ? 0.5792 0.3241 0.4909 0.0296  0.1362  0.0245  101 AX2 B N7    
239 N N8    . AX2 C . ? 0.5923 0.2717 0.4437 -0.0200 0.0789  0.0506  101 AX2 B N8    
240 N N5    . AX2 C . ? 0.5335 0.2806 0.4604 0.0203  0.0764  0.0545  101 AX2 B N5    
241 N N9    . AX2 C . ? 0.4307 0.2474 0.4336 0.0607  0.0704  0.0596  101 AX2 B N9    
242 N N3    . AX2 C . ? 0.4162 0.1954 0.3725 0.0445  0.1030  0.0421  101 AX2 B N3    
243 N N1    . AX2 C . ? 0.5477 0.2605 0.4303 0.0055  0.1071  0.0382  101 AX2 B N1    
244 C C2    . AX2 D . ? 0.5661 0.2744 0.4573 -0.0035 -0.0594 0.0894  102 AX2 B C2    
245 C C4    . AX2 D . ? 0.6081 0.2617 0.4328 -0.0341 -0.0350 0.0802  102 AX2 B C4    
246 C C6    . AX2 D . ? 0.7139 0.3695 0.5421 -0.0384 -0.0682 0.0956  102 AX2 B C6    
247 N N7    . AX2 D . ? 0.5143 0.2627 0.4526 0.0207  -0.0654 0.0901  102 AX2 B N7    
248 N N8    . AX2 D . ? 0.7534 0.3926 0.5616 -0.0521 -0.0843 0.1034  102 AX2 B N8    
249 N N5    . AX2 D . ? 0.6503 0.2869 0.4547 -0.0472 -0.0488 0.0872  102 AX2 B N5    
250 N N9    . AX2 D . ? 0.5924 0.2265 0.3922 -0.0434 -0.0137 0.0711  102 AX2 B N9    
251 N N3    . AX2 D . ? 0.5820 0.2714 0.4499 -0.0123 -0.0402 0.0810  102 AX2 B N3    
252 N N1    . AX2 D . ? 0.6208 0.3119 0.4918 -0.0167 -0.0733 0.0968  102 AX2 B N1    
253 C C2    . AX2 E . ? 0.4805 0.2519 0.4330 0.0430  0.1461  0.0333  103 AX2 B C2    
254 C C4    . AX2 E . ? 0.5144 0.2295 0.4101 0.0065  0.1304  0.0378  103 AX2 B C4    
255 C C6    . AX2 E . ? 0.6342 0.3452 0.5162 0.0104  0.1626  0.0213  103 AX2 B C6    
256 N N7    . AX2 E . ? 0.4164 0.2317 0.4154 0.0687  0.1459  0.0357  103 AX2 B N7    
257 N N8    . AX2 E . ? 0.6654 0.3533 0.5163 -0.0003 0.1807  0.0108  103 AX2 B N8    
258 N N5    . AX2 E . ? 0.6157 0.3096 0.4832 -0.0030 0.1466  0.0282  103 AX2 B N5    
259 N N9    . AX2 E . ? 0.5228 0.2195 0.4028 -0.0084 0.1128  0.0451  103 AX2 B N9    
260 N N3    . AX2 E . ? 0.4866 0.2407 0.4248 0.0295  0.1301  0.0405  103 AX2 B N3    
261 N N1    . AX2 E . ? 0.5313 0.2815 0.4562 0.0335  0.1624  0.0236  103 AX2 B N1    
262 C C2    . AX2 F . ? 0.4493 0.1980 0.3726 0.0243  0.0561  0.0526  101 AX2 C C2    
263 C C4    . AX2 F . ? 0.4420 0.1940 0.3738 0.0202  0.0236  0.0690  101 AX2 C C4    
264 C C6    . AX2 F . ? 0.5171 0.2113 0.3809 -0.0111 0.0445  0.0582  101 AX2 C C6    
265 N N7    . AX2 F . ? 0.4293 0.1976 0.3719 0.0389  0.0723  0.0441  101 AX2 C N7    
266 N N8    . AX2 F . ? 0.5442 0.1983 0.3614 -0.0353 0.0478  0.0560  101 AX2 C N8    
267 N N5    . AX2 F . ? 0.5044 0.2189 0.3939 -0.0021 0.0266  0.0671  101 AX2 C N5    
268 N N9    . AX2 F . ? 0.4520 0.2273 0.4121 0.0305  0.0043  0.0788  101 AX2 C N9    
269 N N3    . AX2 F . ? 0.4570 0.2260 0.4055 0.0334  0.0383  0.0616  101 AX2 C N3    
270 N N1    . AX2 F . ? 0.4842 0.1955 0.3651 0.0020  0.0592  0.0511  101 AX2 C N1    
271 C C2    . AX2 G . ? 0.5188 0.2610 0.4409 0.0178  -0.0037 0.0710  102 AX2 C C2    
272 C C4    . AX2 G . ? 0.5999 0.2789 0.4488 -0.0210 -0.0020 0.0714  102 AX2 C C4    
273 C C6    . AX2 G . ? 0.6532 0.3725 0.5515 -0.0014 -0.0338 0.0858  102 AX2 C C6    
274 N N7    . AX2 G . ? 0.5126 0.2872 0.4702 0.0392  0.0069  0.0649  102 AX2 C N7    
275 N N8    . AX2 G . ? 0.7365 0.4635 0.6452 -0.0007 -0.0567 0.0965  102 AX2 C N8    
276 N N5    . AX2 G . ? 0.5773 0.2621 0.4348 -0.0209 -0.0226 0.0810  102 AX2 C N5    
277 N N9    . AX2 G . ? 0.6989 0.3412 0.5032 -0.0419 0.0105  0.0660  102 AX2 C N9    
278 N N3    . AX2 G . ? 0.5417 0.2492 0.4229 -0.0018 0.0075  0.0665  102 AX2 C N3    
279 N N1    . AX2 G . ? 0.5347 0.2829 0.4654 0.0181  -0.0244 0.0809  102 AX2 C N1    
280 C C2    . AX2 H . ? 0.6969 0.3118 0.4851 -0.0544 -0.0678 0.0911  103 AX2 C C2    
281 C C4    . AX2 H . ? 0.6883 0.3398 0.5169 -0.0396 -0.1012 0.1032  103 AX2 C C4    
282 C C6    . AX2 H . ? 0.7270 0.3311 0.4885 -0.0732 -0.0879 0.0987  103 AX2 C C6    
283 N N7    . AX2 H . ? 0.6610 0.2741 0.4468 -0.0528 -0.0459 0.0811  103 AX2 C N7    
284 N N8    . AX2 H . ? 0.8250 0.4090 0.5526 -0.0916 -0.0899 0.0984  103 AX2 C N8    
285 N N5    . AX2 H . ? 0.7718 0.4027 0.5682 -0.0576 -0.1033 0.1043  103 AX2 C N5    
286 N N9    . AX2 H . ? 0.6395 0.3284 0.5097 -0.0214 -0.1166 0.1071  103 AX2 C N9    
287 N N3    . AX2 H . ? 0.6073 0.2514 0.4323 -0.0377 -0.0837 0.0963  103 AX2 C N3    
288 N N1    . AX2 H . ? 0.7703 0.3675 0.5281 -0.0716 -0.0702 0.0922  103 AX2 C N1    
289 O O     . HOH I . ? 0.8393 0.4220 0.5772 -0.0821 0.0529  0.0541  201 HOH B O     
290 O O     . HOH I . ? 1.4363 1.0140 1.1274 -0.0711 0.2190  -0.0277 202 HOH B O     
291 O O     . HOH I . ? 1.0225 0.6407 0.8156 -0.0660 0.0494  0.0626  203 HOH B O     
292 O O     . HOH I . ? 0.6208 0.4550 0.6524 0.0706  -0.0675 0.0835  204 HOH B O     
293 O O     . HOH I . ? 0.6263 0.4016 0.5984 0.0540  0.0452  0.0259  205 HOH B O     
294 O O     . HOH I . ? 0.6686 0.2712 0.4309 -0.0549 0.0303  0.0494  206 HOH B O     
295 O O     . HOH I . ? 0.6385 0.3439 0.4916 0.0116  0.1793  -0.0215 207 HOH B O     
296 O O     . HOH I . ? 0.8242 0.4329 0.5619 -0.0440 0.1818  -0.0139 208 HOH B O     
297 O O     . HOH I . ? 0.8096 0.5183 0.6672 0.0150  0.2000  -0.0051 209 HOH B O     
298 O O     . HOH I . ? 0.6138 0.3961 0.5831 0.0610  0.1165  -0.0082 210 HOH B O     
299 O O     . HOH I . ? 1.2488 0.7980 0.9151 -0.0950 0.2091  -0.0256 211 HOH B O     
300 O O     . HOH I . ? 0.9614 0.8624 1.0086 0.0598  -0.1138 0.0951  212 HOH B O     
301 O O     . HOH J . ? 0.8611 0.6249 0.8296 -0.0030 -0.0615 0.1215  201 HOH C O     
302 O O     . HOH J . ? 0.7841 0.4877 0.6888 -0.0174 0.0614  0.0721  202 HOH C O     
303 O O     . HOH J . ? 1.3947 0.8459 0.9021 -0.2059 -0.0906 0.0797  203 HOH C O     
304 O O     . HOH J . ? 0.8378 0.4041 0.5440 -0.0832 0.0426  0.0487  204 HOH C O     
305 O O     . HOH J . ? 0.4813 0.3131 0.5063 0.0694  -0.0309 0.0792  205 HOH C O     
306 O O     . HOH J . ? 1.0157 0.5739 0.7064 -0.0974 0.0450  0.0491  206 HOH C O     
307 O O     . HOH J . ? 0.9577 0.5560 0.6921 -0.0969 -0.1338 0.1123  207 HOH C O     
308 O O     . HOH J . ? 0.7062 0.5273 0.7199 0.0557  -0.0543 0.0956  208 HOH C O     
309 O O     . HOH J . ? 1.2445 0.7231 0.7917 -0.1574 0.0343  0.0399  209 HOH C O     
310 O O     . HOH J . ? 0.8996 0.7256 0.9193 0.0525  -0.0528 0.1030  210 HOH C O     
311 O O     . HOH J . ? 0.5438 0.3961 0.5864 0.0786  0.0022  0.0761  211 HOH C O     
312 O O     . HOH J . ? 1.0625 0.5568 0.6455 -0.1877 -0.1297 0.0998  212 HOH C O     
313 O O     . HOH J . ? 0.8972 0.4768 0.6079 -0.1381 -0.1577 0.1226  213 HOH C O     
314 O O     . HOH J . ? 0.5849 0.4998 0.6774 0.0961  0.0071  0.0769  214 HOH C O     
315 O O     . HOH J . ? 1.1337 0.5438 0.5606 -0.2305 -0.1148 0.0869  215 HOH C O     
316 O O     . HOH J . ? 0.7752 0.4317 0.5858 -0.0617 -0.1481 0.1177  216 HOH C O     
317 O O     . HOH J . ? 1.1921 0.8030 0.9326 -0.1094 -0.1672 0.1238  217 HOH C O     
# 
loop_
_pdbx_poly_seq_scheme.asym_id 
_pdbx_poly_seq_scheme.entity_id 
_pdbx_poly_seq_scheme.seq_id 
_pdbx_poly_seq_scheme.mon_id 
_pdbx_poly_seq_scheme.ndb_seq_num 
_pdbx_poly_seq_scheme.pdb_seq_num 
_pdbx_poly_seq_scheme.auth_seq_num 
_pdbx_poly_seq_scheme.pdb_mon_id 
_pdbx_poly_seq_scheme.auth_mon_id 
_pdbx_poly_seq_scheme.pdb_strand_id 
_pdbx_poly_seq_scheme.pdb_ins_code 
_pdbx_poly_seq_scheme.hetero 
A 1 1 DT 1 1 1 DT DT B . n 
A 1 2 DT 2 2 2 DT DT B . n 
A 1 3 DT 3 3 3 DT DT B . n 
A 1 4 DT 4 4 4 DT DT B . n 
A 1 5 DT 5 5 5 DT DT B . n 
A 1 6 DT 6 6 6 DT DT B . n 
B 1 1 DT 1 1 1 DT DT C . n 
B 1 2 DT 2 2 2 DT DT C . n 
B 1 3 DT 3 3 3 DT DT C . n 
B 1 4 DT 4 4 4 DT DT C . n 
B 1 5 DT 5 5 5 DT DT C . n 
B 1 6 DT 6 6 6 DT DT C . n 
# 
loop_
_pdbx_nonpoly_scheme.asym_id 
_pdbx_nonpoly_scheme.entity_id 
_pdbx_nonpoly_scheme.mon_id 
_pdbx_nonpoly_scheme.ndb_seq_num 
_pdbx_nonpoly_scheme.pdb_seq_num 
_pdbx_nonpoly_scheme.auth_seq_num 
_pdbx_nonpoly_scheme.pdb_mon_id 
_pdbx_nonpoly_scheme.auth_mon_id 
_pdbx_nonpoly_scheme.pdb_strand_id 
_pdbx_nonpoly_scheme.pdb_ins_code 
C 2 AX2 1  101 1  AX2 AX2 B . 
D 2 AX2 1  102 4  AX2 AX2 B . 
E 2 AX2 1  103 6  AX2 AX2 B . 
F 2 AX2 1  101 2  AX2 AX2 C . 
G 2 AX2 1  102 3  AX2 AX2 C . 
H 2 AX2 1  103 5  AX2 AX2 C . 
I 3 HOH 1  201 11 HOH HOH B . 
I 3 HOH 2  202 12 HOH HOH B . 
I 3 HOH 3  203 28 HOH HOH B . 
I 3 HOH 4  204 9  HOH HOH B . 
I 3 HOH 5  205 3  HOH HOH B . 
I 3 HOH 6  206 7  HOH HOH B . 
I 3 HOH 7  207 15 HOH HOH B . 
I 3 HOH 8  208 14 HOH HOH B . 
I 3 HOH 9  209 4  HOH HOH B . 
I 3 HOH 10 210 23 HOH HOH B . 
I 3 HOH 11 211 13 HOH HOH B . 
I 3 HOH 12 212 29 HOH HOH B . 
J 3 HOH 1  201 21 HOH HOH C . 
J 3 HOH 2  202 24 HOH HOH C . 
J 3 HOH 3  203 25 HOH HOH C . 
J 3 HOH 4  204 22 HOH HOH C . 
J 3 HOH 5  205 1  HOH HOH C . 
J 3 HOH 6  206 26 HOH HOH C . 
J 3 HOH 7  207 17 HOH HOH C . 
J 3 HOH 8  208 2  HOH HOH C . 
J 3 HOH 9  209 8  HOH HOH C . 
J 3 HOH 10 210 18 HOH HOH C . 
J 3 HOH 11 211 16 HOH HOH C . 
J 3 HOH 12 212 5  HOH HOH C . 
J 3 HOH 13 213 27 HOH HOH C . 
J 3 HOH 14 214 19 HOH HOH C . 
J 3 HOH 15 215 10 HOH HOH C . 
J 3 HOH 16 216 20 HOH HOH C . 
J 3 HOH 17 217 6  HOH HOH C . 
# 
_pdbx_struct_assembly.id                   1 
_pdbx_struct_assembly.details              author_and_software_defined_assembly 
_pdbx_struct_assembly.method_details       PISA 
_pdbx_struct_assembly.oligomeric_details   dimeric 
_pdbx_struct_assembly.oligomeric_count     2 
# 
_pdbx_struct_assembly_gen.assembly_id       1 
_pdbx_struct_assembly_gen.oper_expression   1 
_pdbx_struct_assembly_gen.asym_id_list      A,B,C,D,E,F,G,H,I,J 
# 
loop_
_pdbx_struct_assembly_prop.biol_id 
_pdbx_struct_assembly_prop.type 
_pdbx_struct_assembly_prop.value 
_pdbx_struct_assembly_prop.details 
1 'ABSA (A^2)' 760  ? 
1 MORE         -10  ? 
1 'SSA (A^2)'  2760 ? 
# 
_pdbx_struct_oper_list.id                   1 
_pdbx_struct_oper_list.type                 'identity operation' 
_pdbx_struct_oper_list.name                 1_555 
_pdbx_struct_oper_list.symmetry_operation   x,y,z 
_pdbx_struct_oper_list.matrix[1][1]         1.0000000000 
_pdbx_struct_oper_list.matrix[1][2]         0.0000000000 
_pdbx_struct_oper_list.matrix[1][3]         0.0000000000 
_pdbx_struct_oper_list.vector[1]            0.0000000000 
_pdbx_struct_oper_list.matrix[2][1]         0.0000000000 
_pdbx_struct_oper_list.matrix[2][2]         1.0000000000 
_pdbx_struct_oper_list.matrix[2][3]         0.0000000000 
_pdbx_struct_oper_list.vector[2]            0.0000000000 
_pdbx_struct_oper_list.matrix[3][1]         0.0000000000 
_pdbx_struct_oper_list.matrix[3][2]         0.0000000000 
_pdbx_struct_oper_list.matrix[3][3]         1.0000000000 
_pdbx_struct_oper_list.vector[3]            0.0000000000 
# 
loop_
_pdbx_audit_revision_history.ordinal 
_pdbx_audit_revision_history.data_content_type 
_pdbx_audit_revision_history.major_revision 
_pdbx_audit_revision_history.minor_revision 
_pdbx_audit_revision_history.revision_date 
1 'Structure model' 1 0 2020-07-22 
2 'Structure model' 1 1 2020-09-02 
3 'Structure model' 1 2 2023-10-18 
# 
_pdbx_audit_revision_details.ordinal             1 
_pdbx_audit_revision_details.revision_ordinal    1 
_pdbx_audit_revision_details.data_content_type   'Structure model' 
_pdbx_audit_revision_details.provider            repository 
_pdbx_audit_revision_details.type                'Initial release' 
_pdbx_audit_revision_details.description         ? 
_pdbx_audit_revision_details.details             ? 
# 
loop_
_pdbx_audit_revision_group.ordinal 
_pdbx_audit_revision_group.revision_ordinal 
_pdbx_audit_revision_group.data_content_type 
_pdbx_audit_revision_group.group 
1 2 'Structure model' 'Database references'    
2 3 'Structure model' 'Data collection'        
3 3 'Structure model' 'Database references'    
4 3 'Structure model' 'Refinement description' 
# 
loop_
_pdbx_audit_revision_category.ordinal 
_pdbx_audit_revision_category.revision_ordinal 
_pdbx_audit_revision_category.data_content_type 
_pdbx_audit_revision_category.category 
1 2 'Structure model' citation                      
2 2 'Structure model' citation_author               
3 3 'Structure model' chem_comp_atom                
4 3 'Structure model' chem_comp_bond                
5 3 'Structure model' database_2                    
6 3 'Structure model' pdbx_initial_refinement_model 
# 
loop_
_pdbx_audit_revision_item.ordinal 
_pdbx_audit_revision_item.revision_ordinal 
_pdbx_audit_revision_item.data_content_type 
_pdbx_audit_revision_item.item 
1 2 'Structure model' '_citation.journal_volume'            
2 2 'Structure model' '_citation.page_first'                
3 2 'Structure model' '_citation.page_last'                 
4 2 'Structure model' '_citation_author.identifier_ORCID'   
5 3 'Structure model' '_database_2.pdbx_DOI'                
6 3 'Structure model' '_database_2.pdbx_database_accession' 
# 
_pdbx_refine_tls.id               1 
_pdbx_refine_tls.pdbx_refine_id   'X-RAY DIFFRACTION' 
_pdbx_refine_tls.details          ? 
_pdbx_refine_tls.method           refined 
_pdbx_refine_tls.origin_x         0.1352 
_pdbx_refine_tls.origin_y         -0.1035 
_pdbx_refine_tls.origin_z         0.0630 
_pdbx_refine_tls.T[1][1]          0.5204 
_pdbx_refine_tls.T[1][1]_esd      ? 
_pdbx_refine_tls.T[1][2]          -0.0307 
_pdbx_refine_tls.T[1][2]_esd      ? 
_pdbx_refine_tls.T[1][3]          0.0205 
_pdbx_refine_tls.T[1][3]_esd      ? 
_pdbx_refine_tls.T[2][2]          0.1827 
_pdbx_refine_tls.T[2][2]_esd      ? 
_pdbx_refine_tls.T[2][3]          0.0641 
_pdbx_refine_tls.T[2][3]_esd      ? 
_pdbx_refine_tls.T[3][3]          0.3477 
_pdbx_refine_tls.T[3][3]_esd      ? 
_pdbx_refine_tls.L[1][1]          0.7602 
_pdbx_refine_tls.L[1][1]_esd      ? 
_pdbx_refine_tls.L[1][2]          -0.2226 
_pdbx_refine_tls.L[1][2]_esd      ? 
_pdbx_refine_tls.L[1][3]          0.0051 
_pdbx_refine_tls.L[1][3]_esd      ? 
_pdbx_refine_tls.L[2][2]          0.0738 
_pdbx_refine_tls.L[2][2]_esd      ? 
_pdbx_refine_tls.L[2][3]          0.0476 
_pdbx_refine_tls.L[2][3]_esd      ? 
_pdbx_refine_tls.L[3][3]          0.3093 
_pdbx_refine_tls.L[3][3]_esd      ? 
_pdbx_refine_tls.S[1][1]          0.7502 
_pdbx_refine_tls.S[1][1]_esd      ? 
_pdbx_refine_tls.S[1][2]          -0.3888 
_pdbx_refine_tls.S[1][2]_esd      ? 
_pdbx_refine_tls.S[1][3]          -0.1492 
_pdbx_refine_tls.S[1][3]_esd      ? 
_pdbx_refine_tls.S[2][1]          0.7012 
_pdbx_refine_tls.S[2][1]_esd      ? 
_pdbx_refine_tls.S[2][2]          -0.2037 
_pdbx_refine_tls.S[2][2]_esd      ? 
_pdbx_refine_tls.S[2][3]          -0.0068 
_pdbx_refine_tls.S[2][3]_esd      ? 
_pdbx_refine_tls.S[3][1]          -0.1761 
_pdbx_refine_tls.S[3][1]_esd      ? 
_pdbx_refine_tls.S[3][2]          0.2201 
_pdbx_refine_tls.S[3][2]_esd      ? 
_pdbx_refine_tls.S[3][3]          0.0277 
_pdbx_refine_tls.S[3][3]_esd      ? 
# 
loop_
_pdbx_refine_tls_group.id 
_pdbx_refine_tls_group.pdbx_refine_id 
_pdbx_refine_tls_group.refine_tls_id 
_pdbx_refine_tls_group.beg_label_asym_id 
_pdbx_refine_tls_group.beg_label_seq_id 
_pdbx_refine_tls_group.beg_auth_asym_id 
_pdbx_refine_tls_group.beg_auth_seq_id 
_pdbx_refine_tls_group.beg_PDB_ins_code 
_pdbx_refine_tls_group.end_label_asym_id 
_pdbx_refine_tls_group.end_label_seq_id 
_pdbx_refine_tls_group.end_auth_asym_id 
_pdbx_refine_tls_group.end_auth_seq_id 
_pdbx_refine_tls_group.end_PDB_ins_code 
_pdbx_refine_tls_group.selection 
_pdbx_refine_tls_group.selection_details 
1 'X-RAY DIFFRACTION' 1 ? ? B 1 ? ? ? B 6  ? ? all 
2 'X-RAY DIFFRACTION' 1 ? ? C 1 ? ? ? C 6  ? ? all 
3 'X-RAY DIFFRACTION' 1 ? ? D 1 ? ? ? D 5  ? ? all 
4 'X-RAY DIFFRACTION' 1 ? ? D 6 ? ? ? D 6  ? ? all 
5 'X-RAY DIFFRACTION' 1 ? ? G 1 ? ? ? G 29 ? ? all 
# 
_phasing.method   MR 
# 
loop_
_software.citation_id 
_software.classification 
_software.compiler_name 
_software.compiler_version 
_software.contact_author 
_software.contact_author_email 
_software.date 
_software.description 
_software.dependencies 
_software.hardware 
_software.language 
_software.location 
_software.mods 
_software.name 
_software.os 
_software.os_version 
_software.type 
_software.version 
_software.pdbx_ordinal 
? refinement        ? ? ? ? ? ? ? ? ? ? ? PHENIX      ? ? ? 1.12-2829 1 
? 'data reduction'  ? ? ? ? ? ? ? ? ? ? ? HKL-2000    ? ? ? .         2 
? 'data scaling'    ? ? ? ? ? ? ? ? ? ? ? HKL-2000    ? ? ? .         3 
? phasing           ? ? ? ? ? ? ? ? ? ? ? PHASER      ? ? ? 1.12      4 
? 'data extraction' ? ? ? ? ? ? ? ? ? ? ? PDB_EXTRACT ? ? ? 3.25      5 
# 
_pdbx_entry_details.entry_id                 6WK7 
_pdbx_entry_details.nonpolymer_details       ? 
_pdbx_entry_details.sequence_details         ? 
_pdbx_entry_details.compound_details         ? 
_pdbx_entry_details.source_details           ? 
_pdbx_entry_details.has_ligand_of_interest   Y 
# 
_pdbx_distant_solvent_atoms.id                                1 
_pdbx_distant_solvent_atoms.PDB_model_num                     1 
_pdbx_distant_solvent_atoms.auth_asym_id                      B 
_pdbx_distant_solvent_atoms.auth_atom_id                      O 
_pdbx_distant_solvent_atoms.auth_comp_id                      HOH 
_pdbx_distant_solvent_atoms.auth_seq_id                       212 
_pdbx_distant_solvent_atoms.PDB_ins_code                      ? 
_pdbx_distant_solvent_atoms.label_alt_id                      ? 
_pdbx_distant_solvent_atoms.label_atom_id                     ? 
_pdbx_distant_solvent_atoms.label_asym_id                     ? 
_pdbx_distant_solvent_atoms.label_comp_id                     ? 
_pdbx_distant_solvent_atoms.label_seq_id                      ? 
_pdbx_distant_solvent_atoms.neighbor_macromolecule_distance   ? 
_pdbx_distant_solvent_atoms.neighbor_ligand_distance          6.35 
# 
loop_
_chem_comp_atom.comp_id 
_chem_comp_atom.atom_id 
_chem_comp_atom.type_symbol 
_chem_comp_atom.pdbx_aromatic_flag 
_chem_comp_atom.pdbx_stereo_config 
_chem_comp_atom.pdbx_ordinal 
AX2 C2     C Y N 1  
AX2 C4     C Y N 2  
AX2 C6     C Y N 3  
AX2 N7     N N N 4  
AX2 N8     N N N 5  
AX2 N5     N Y N 6  
AX2 N9     N N N 7  
AX2 N3     N Y N 8  
AX2 N1     N Y N 9  
AX2 HN7    H N N 10 
AX2 HN7A   H N N 11 
AX2 HN8    H N N 12 
AX2 HN8A   H N N 13 
AX2 HN9    H N N 14 
AX2 HN9A   H N N 15 
DT  OP3    O N N 16 
DT  P      P N N 17 
DT  OP1    O N N 18 
DT  OP2    O N N 19 
DT  "O5'"  O N N 20 
DT  "C5'"  C N N 21 
DT  "C4'"  C N R 22 
DT  "O4'"  O N N 23 
DT  "C3'"  C N S 24 
DT  "O3'"  O N N 25 
DT  "C2'"  C N N 26 
DT  "C1'"  C N R 27 
DT  N1     N N N 28 
DT  C2     C N N 29 
DT  O2     O N N 30 
DT  N3     N N N 31 
DT  C4     C N N 32 
DT  O4     O N N 33 
DT  C5     C N N 34 
DT  C7     C N N 35 
DT  C6     C N N 36 
DT  HOP3   H N N 37 
DT  HOP2   H N N 38 
DT  "H5'"  H N N 39 
DT  "H5''" H N N 40 
DT  "H4'"  H N N 41 
DT  "H3'"  H N N 42 
DT  "HO3'" H N N 43 
DT  "H2'"  H N N 44 
DT  "H2''" H N N 45 
DT  "H1'"  H N N 46 
DT  H3     H N N 47 
DT  H71    H N N 48 
DT  H72    H N N 49 
DT  H73    H N N 50 
DT  H6     H N N 51 
HOH O      O N N 52 
HOH H1     H N N 53 
HOH H2     H N N 54 
# 
loop_
_chem_comp_bond.comp_id 
_chem_comp_bond.atom_id_1 
_chem_comp_bond.atom_id_2 
_chem_comp_bond.value_order 
_chem_comp_bond.pdbx_aromatic_flag 
_chem_comp_bond.pdbx_stereo_config 
_chem_comp_bond.pdbx_ordinal 
AX2 C2    N7     sing N N 1  
AX2 C2    N3     doub Y N 2  
AX2 C2    N1     sing Y N 3  
AX2 C4    N5     doub Y N 4  
AX2 C4    N9     sing N N 5  
AX2 C4    N3     sing Y N 6  
AX2 C6    N8     sing N N 7  
AX2 C6    N5     sing Y N 8  
AX2 C6    N1     doub Y N 9  
AX2 N7    HN7    sing N N 10 
AX2 N7    HN7A   sing N N 11 
AX2 N8    HN8    sing N N 12 
AX2 N8    HN8A   sing N N 13 
AX2 N9    HN9    sing N N 14 
AX2 N9    HN9A   sing N N 15 
DT  OP3   P      sing N N 16 
DT  OP3   HOP3   sing N N 17 
DT  P     OP1    doub N N 18 
DT  P     OP2    sing N N 19 
DT  P     "O5'"  sing N N 20 
DT  OP2   HOP2   sing N N 21 
DT  "O5'" "C5'"  sing N N 22 
DT  "C5'" "C4'"  sing N N 23 
DT  "C5'" "H5'"  sing N N 24 
DT  "C5'" "H5''" sing N N 25 
DT  "C4'" "O4'"  sing N N 26 
DT  "C4'" "C3'"  sing N N 27 
DT  "C4'" "H4'"  sing N N 28 
DT  "O4'" "C1'"  sing N N 29 
DT  "C3'" "O3'"  sing N N 30 
DT  "C3'" "C2'"  sing N N 31 
DT  "C3'" "H3'"  sing N N 32 
DT  "O3'" "HO3'" sing N N 33 
DT  "C2'" "C1'"  sing N N 34 
DT  "C2'" "H2'"  sing N N 35 
DT  "C2'" "H2''" sing N N 36 
DT  "C1'" N1     sing N N 37 
DT  "C1'" "H1'"  sing N N 38 
DT  N1    C2     sing N N 39 
DT  N1    C6     sing N N 40 
DT  C2    O2     doub N N 41 
DT  C2    N3     sing N N 42 
DT  N3    C4     sing N N 43 
DT  N3    H3     sing N N 44 
DT  C4    O4     doub N N 45 
DT  C4    C5     sing N N 46 
DT  C5    C7     sing N N 47 
DT  C5    C6     doub N N 48 
DT  C7    H71    sing N N 49 
DT  C7    H72    sing N N 50 
DT  C7    H73    sing N N 51 
DT  C6    H6     sing N N 52 
HOH O     H1     sing N N 53 
HOH O     H2     sing N N 54 
# 
loop_
_pdbx_audit_support.funding_organization 
_pdbx_audit_support.country 
_pdbx_audit_support.grant_number 
_pdbx_audit_support.ordinal 
'National Natural Science Foundation of China (NSFC)'               China           21974111           1 
'National Science Foundation (NSF, United States)'                  'United States' CBET-1904921       2 
'National Institutes of Health/National Cancer Institute (NIH/NCI)' 'United States' 'NIH 1R01CA236350' 3 
'Natural Sciences and Engineering Research Council (NSERC, Canada)' Canada          ?                  4 
'Office of Naval Research'                                          'United States' N00014-15-1-2707   5 
'Banting Postdoctoral Fellowships'                                  Canada          ?                  6 
'Canada Research Chairs'                                            Canada          ?                  7 
# 
_pdbx_entity_instance_feature.ordinal        1 
_pdbx_entity_instance_feature.comp_id        AX2 
_pdbx_entity_instance_feature.asym_id        ? 
_pdbx_entity_instance_feature.seq_num        ? 
_pdbx_entity_instance_feature.auth_comp_id   AX2 
_pdbx_entity_instance_feature.auth_asym_id   ? 
_pdbx_entity_instance_feature.auth_seq_num   ? 
_pdbx_entity_instance_feature.feature_type   'SUBJECT OF INVESTIGATION' 
_pdbx_entity_instance_feature.details        ? 
# 
loop_
_pdbx_entity_nonpoly.entity_id 
_pdbx_entity_nonpoly.name 
_pdbx_entity_nonpoly.comp_id 
2 1,3,5-triazine-2,4,6-triamine AX2 
3 water                         HOH 
# 
_pdbx_initial_refinement_model.id               1 
_pdbx_initial_refinement_model.entity_id_list   ? 
_pdbx_initial_refinement_model.type             'experimental model' 
_pdbx_initial_refinement_model.source_name      PDB 
_pdbx_initial_refinement_model.accession_code   1D3X 
_pdbx_initial_refinement_model.details          ? 
# 
_pdbx_struct_assembly_auth_evidence.id                     1 
_pdbx_struct_assembly_auth_evidence.assembly_id            1 
_pdbx_struct_assembly_auth_evidence.experimental_support   none 
_pdbx_struct_assembly_auth_evidence.details                ? 
# 
